data_1SZJ
#
_entry.id   1SZJ
#
_cell.length_a   128.400
_cell.length_b   99.900
_cell.length_c   80.790
_cell.angle_alpha   90.00
_cell.angle_beta   114.48
_cell.angle_gamma   90.00
#
_symmetry.space_group_name_H-M   'C 1 2 1'
#
loop_
_entity.id
_entity.type
_entity.pdbx_description
1 polymer D-GLYCERALDEHYDE-3-PHOSPHATE-DEHYDROGENASE
2 non-polymer 'SULFATE ION'
3 non-polymer NICOTINAMIDE-ADENINE-DINUCLEOTIDE
4 water water
#
_entity_poly.entity_id   1
_entity_poly.type   'polypeptide(L)'
_entity_poly.pdbx_seq_one_letter_code
;SKIGINGFGRIGRLVLRAALEMGAQVVAVNDPFIALEYMVYMFKYDSTHGMFKGEVKAEDGALVVDGKKITVFNEMKPEN
IPWSKAGAEYIVESTGVFTTIEKASAHFKGGAKKVIISAPSADAPMFVCGVNLEKYSKDMKVVSNASCTTNCLAPVAKVL
HENFEIVEGLMTTVHAVTATQKTVDGPSAKDWRGGRGAAQNIIPSSTGAAKAVGKVIPELDGKLTGMAFRVPTPNVSVVD
LTVRLGKECSYDDIKAAMKAASEGPLQGVLGYTEDDVVSCDFTGDNRSSIFDAKAGIQLSKTFVKVVSWYDNEFGYSQRV
IDLIKHMQKVDSA
;
_entity_poly.pdbx_strand_id   G,R
#
loop_
_chem_comp.id
_chem_comp.type
_chem_comp.name
_chem_comp.formula
NAD non-polymer NICOTINAMIDE-ADENINE-DINUCLEOTIDE 'C21 H27 N7 O14 P2'
SO4 non-polymer 'SULFATE ION' 'O4 S -2'
#
# COMPACT_ATOMS: atom_id res chain seq x y z
N SER A 1 -8.71 22.32 27.16
CA SER A 1 -8.30 22.16 25.78
C SER A 1 -9.47 21.74 24.93
N LYS A 2 -10.33 20.77 25.24
CA LYS A 2 -11.48 20.48 24.37
C LYS A 2 -11.22 20.39 22.86
N ILE A 3 -10.32 19.44 22.56
CA ILE A 3 -9.90 19.16 21.20
C ILE A 3 -10.78 18.04 20.66
N GLY A 4 -11.17 18.13 19.40
CA GLY A 4 -11.91 17.12 18.67
C GLY A 4 -10.99 16.67 17.53
N ILE A 5 -11.00 15.45 17.00
CA ILE A 5 -10.13 15.08 15.89
C ILE A 5 -11.01 14.56 14.79
N ASN A 6 -10.75 15.00 13.57
CA ASN A 6 -11.54 14.52 12.48
C ASN A 6 -10.55 13.76 11.60
N GLY A 7 -10.79 12.46 11.40
CA GLY A 7 -9.89 11.60 10.65
C GLY A 7 -8.93 10.91 11.63
N PHE A 8 -9.11 9.61 11.88
CA PHE A 8 -8.31 8.92 12.86
C PHE A 8 -7.28 8.02 12.18
N GLY A 9 -6.40 8.67 11.40
CA GLY A 9 -5.33 8.04 10.63
C GLY A 9 -4.01 8.11 11.33
N ARG A 10 -2.90 8.00 10.57
CA ARG A 10 -1.60 8.07 11.18
C ARG A 10 -1.47 9.32 12.04
N ILE A 11 -1.94 10.47 11.46
CA ILE A 11 -1.79 11.74 12.12
C ILE A 11 -2.84 11.91 13.18
N GLY A 12 -4.10 11.68 12.85
CA GLY A 12 -5.17 11.66 13.87
C GLY A 12 -4.87 10.84 15.16
N ARG A 13 -4.39 9.58 15.05
CA ARG A 13 -4.09 8.74 16.20
C ARG A 13 -2.87 9.20 17.01
N LEU A 14 -1.82 9.66 16.31
CA LEU A 14 -0.62 10.10 16.96
C LEU A 14 -0.85 11.46 17.56
N VAL A 15 -1.78 12.28 17.08
CA VAL A 15 -2.12 13.52 17.80
C VAL A 15 -2.78 13.15 19.14
N LEU A 16 -3.64 12.11 19.21
CA LEU A 16 -4.24 11.64 20.46
C LEU A 16 -3.13 11.22 21.38
N ARG A 17 -2.18 10.36 20.92
CA ARG A 17 -1.03 9.98 21.71
C ARG A 17 -0.21 11.17 22.21
N ALA A 18 0.13 12.13 21.32
CA ALA A 18 0.83 13.35 21.72
C ALA A 18 0.06 14.15 22.80
N ALA A 19 -1.27 14.28 22.63
CA ALA A 19 -2.16 14.97 23.57
C ALA A 19 -2.11 14.30 24.93
N LEU A 20 -2.23 12.97 24.99
CA LEU A 20 -2.12 12.26 26.26
C LEU A 20 -0.76 12.46 26.86
N GLU A 21 0.30 12.46 26.05
CA GLU A 21 1.64 12.69 26.55
C GLU A 21 1.78 14.09 27.10
N MET A 22 1.14 15.08 26.49
CA MET A 22 1.36 16.45 26.89
C MET A 22 0.26 16.91 27.82
N GLY A 23 -0.54 16.00 28.35
CA GLY A 23 -1.64 16.37 29.22
C GLY A 23 -2.69 17.23 28.53
N ALA A 24 -2.83 17.19 27.22
CA ALA A 24 -3.88 17.93 26.56
C ALA A 24 -5.14 17.08 26.56
N GLN A 25 -6.33 17.65 26.32
CA GLN A 25 -7.55 16.89 26.44
C GLN A 25 -8.36 16.79 25.16
N VAL A 26 -8.36 15.60 24.56
CA VAL A 26 -9.22 15.26 23.45
C VAL A 26 -10.56 14.74 23.99
N VAL A 27 -11.70 15.28 23.53
CA VAL A 27 -13.02 14.88 24.00
C VAL A 27 -13.85 14.19 22.92
N ALA A 28 -13.48 14.24 21.65
CA ALA A 28 -14.22 13.56 20.60
C ALA A 28 -13.35 13.24 19.40
N VAL A 29 -13.70 12.18 18.68
CA VAL A 29 -13.01 11.76 17.49
C VAL A 29 -14.09 11.49 16.46
N ASN A 30 -13.85 11.74 15.18
CA ASN A 30 -14.77 11.33 14.16
C ASN A 30 -14.06 10.59 13.03
N ASP A 31 -14.51 9.41 12.62
CA ASP A 31 -14.00 8.83 11.40
C ASP A 31 -15.07 7.87 10.88
N PRO A 32 -15.66 8.11 9.69
CA PRO A 32 -16.59 7.21 9.01
C PRO A 32 -16.06 5.82 8.71
N PHE A 33 -14.78 5.62 8.41
CA PHE A 33 -14.29 4.29 8.08
C PHE A 33 -13.79 3.46 9.26
N ILE A 34 -13.91 3.94 10.51
CA ILE A 34 -13.38 3.16 11.63
C ILE A 34 -14.41 3.16 12.75
N ALA A 35 -15.00 1.96 12.97
CA ALA A 35 -15.99 1.74 14.00
C ALA A 35 -15.33 1.76 15.36
N LEU A 36 -16.02 2.04 16.45
CA LEU A 36 -15.45 2.13 17.77
C LEU A 36 -14.55 0.95 18.16
N GLU A 37 -14.91 -0.31 17.89
CA GLU A 37 -14.11 -1.43 18.35
C GLU A 37 -12.86 -1.55 17.51
N TYR A 38 -12.93 -1.11 16.27
CA TYR A 38 -11.77 -1.08 15.43
C TYR A 38 -10.86 0.11 15.83
N MET A 39 -11.41 1.21 16.35
CA MET A 39 -10.59 2.35 16.77
C MET A 39 -9.75 1.92 17.96
N VAL A 40 -10.26 1.09 18.87
CA VAL A 40 -9.51 0.55 20.03
C VAL A 40 -8.26 -0.14 19.55
N TYR A 41 -8.45 -1.06 18.61
CA TYR A 41 -7.35 -1.84 18.07
C TYR A 41 -6.31 -0.95 17.36
N MET A 42 -6.76 -0.03 16.49
CA MET A 42 -5.84 0.80 15.73
C MET A 42 -5.05 1.75 16.60
N PHE A 43 -5.66 2.21 17.69
CA PHE A 43 -4.95 3.11 18.56
C PHE A 43 -4.01 2.26 19.41
N LYS A 44 -4.43 1.06 19.84
CA LYS A 44 -3.61 0.24 20.73
C LYS A 44 -2.33 -0.28 20.07
N TYR A 45 -2.39 -0.69 18.81
CA TYR A 45 -1.24 -1.31 18.15
C TYR A 45 -0.68 -0.39 17.11
N ASP A 46 0.61 -0.15 17.12
CA ASP A 46 1.16 0.68 16.09
C ASP A 46 2.44 0.02 15.65
N SER A 47 2.55 -0.33 14.37
CA SER A 47 3.76 -0.98 13.87
C SER A 47 4.97 -0.12 13.93
N THR A 48 4.89 1.22 13.75
CA THR A 48 6.10 2.02 13.87
C THR A 48 6.43 2.51 15.29
N HIS A 49 5.40 2.91 16.02
CA HIS A 49 5.60 3.56 17.30
C HIS A 49 5.35 2.66 18.49
N GLY A 50 5.02 1.36 18.36
CA GLY A 50 4.92 0.53 19.55
C GLY A 50 3.51 0.48 20.07
N MET A 51 3.27 -0.45 20.97
CA MET A 51 1.95 -0.63 21.54
C MET A 51 1.70 0.51 22.52
N PHE A 52 0.51 1.08 22.55
CA PHE A 52 0.20 2.11 23.53
C PHE A 52 0.24 1.46 24.92
N LYS A 53 1.02 2.04 25.84
CA LYS A 53 1.19 1.57 27.21
C LYS A 53 0.07 2.23 28.02
N GLY A 54 -1.07 1.60 28.26
CA GLY A 54 -2.16 2.25 28.94
C GLY A 54 -3.39 1.46 28.58
N GLU A 55 -4.48 1.72 29.25
CA GLU A 55 -5.66 0.94 28.97
C GLU A 55 -6.44 1.65 27.87
N VAL A 56 -6.94 0.85 26.94
CA VAL A 56 -7.70 1.36 25.84
C VAL A 56 -8.92 0.46 25.78
N LYS A 57 -10.14 0.96 25.79
CA LYS A 57 -11.30 0.11 25.69
C LYS A 57 -12.49 0.86 25.14
N ALA A 58 -13.51 0.15 24.66
CA ALA A 58 -14.73 0.73 24.18
C ALA A 58 -15.68 0.56 25.35
N GLU A 59 -16.26 1.64 25.89
CA GLU A 59 -17.16 1.51 27.02
C GLU A 59 -18.27 2.50 26.75
N ASP A 60 -19.48 1.96 26.81
CA ASP A 60 -20.71 2.71 26.56
C ASP A 60 -20.68 3.56 25.30
N GLY A 61 -20.18 3.02 24.19
CA GLY A 61 -20.20 3.80 22.95
C GLY A 61 -19.10 4.86 22.85
N ALA A 62 -18.23 4.97 23.84
CA ALA A 62 -17.10 5.87 23.84
C ALA A 62 -15.79 5.08 23.76
N LEU A 63 -14.72 5.76 23.42
CA LEU A 63 -13.40 5.20 23.48
C LEU A 63 -12.86 5.70 24.84
N VAL A 64 -12.43 4.81 25.71
CA VAL A 64 -11.94 5.23 27.01
C VAL A 64 -10.46 4.97 26.96
N VAL A 65 -9.61 5.99 27.11
CA VAL A 65 -8.16 5.82 27.05
C VAL A 65 -7.62 6.34 28.36
N ASP A 66 -6.93 5.51 29.14
CA ASP A 66 -6.41 5.84 30.46
C ASP A 66 -7.40 6.58 31.37
N GLY A 67 -8.65 6.13 31.33
CA GLY A 67 -9.69 6.75 32.13
C GLY A 67 -10.49 7.78 31.35
N LYS A 68 -9.90 8.51 30.40
CA LYS A 68 -10.66 9.52 29.70
C LYS A 68 -11.58 8.97 28.61
N LYS A 69 -12.84 9.39 28.72
CA LYS A 69 -13.90 9.05 27.80
C LYS A 69 -13.84 9.97 26.58
N ILE A 70 -13.93 9.42 25.37
CA ILE A 70 -13.86 10.20 24.15
C ILE A 70 -15.09 9.79 23.35
N THR A 71 -15.92 10.77 22.99
CA THR A 71 -17.12 10.51 22.20
C THR A 71 -16.71 10.20 20.78
N VAL A 72 -17.31 9.20 20.17
CA VAL A 72 -16.87 8.81 18.85
C VAL A 72 -17.95 9.13 17.86
N PHE A 73 -17.70 9.74 16.71
CA PHE A 73 -18.69 9.96 15.68
C PHE A 73 -18.20 9.23 14.44
N ASN A 74 -19.05 8.89 13.48
CA ASN A 74 -18.62 8.25 12.23
C ASN A 74 -19.43 8.93 11.13
N GLU A 75 -19.28 10.25 11.04
CA GLU A 75 -19.90 11.11 10.05
C GLU A 75 -19.00 11.39 8.86
N MET A 76 -19.53 11.11 7.68
CA MET A 76 -18.85 11.37 6.42
C MET A 76 -18.76 12.87 6.10
N LYS A 77 -19.74 13.69 6.51
CA LYS A 77 -19.77 15.10 6.13
C LYS A 77 -19.47 15.95 7.35
N PRO A 78 -18.48 16.86 7.30
CA PRO A 78 -18.07 17.69 8.42
C PRO A 78 -19.18 18.48 9.04
N GLU A 79 -20.13 19.02 8.25
CA GLU A 79 -21.23 19.84 8.75
C GLU A 79 -22.22 19.08 9.63
N ASN A 80 -22.15 17.75 9.50
CA ASN A 80 -23.01 16.84 10.27
C ASN A 80 -22.41 16.35 11.58
N ILE A 81 -21.16 16.72 11.93
CA ILE A 81 -20.58 16.23 13.17
C ILE A 81 -21.05 17.11 14.31
N PRO A 82 -21.69 16.54 15.33
CA PRO A 82 -22.22 17.28 16.46
C PRO A 82 -21.13 17.65 17.44
N TRP A 83 -20.12 18.44 17.02
CA TRP A 83 -19.02 18.77 17.91
C TRP A 83 -19.50 19.38 19.21
N SER A 84 -20.53 20.21 19.22
CA SER A 84 -21.02 20.81 20.45
C SER A 84 -21.60 19.78 21.42
N LYS A 85 -22.13 18.63 20.98
CA LYS A 85 -22.63 17.67 21.94
C LYS A 85 -21.49 17.15 22.80
N ALA A 86 -20.37 16.85 22.14
CA ALA A 86 -19.20 16.38 22.83
C ALA A 86 -18.50 17.49 23.58
N GLY A 87 -18.70 18.78 23.30
CA GLY A 87 -17.93 19.87 23.92
C GLY A 87 -16.59 20.10 23.21
N ALA A 88 -16.47 19.73 21.93
CA ALA A 88 -15.23 19.87 21.20
C ALA A 88 -15.23 21.26 20.53
N GLU A 89 -14.16 21.97 20.85
CA GLU A 89 -13.95 23.35 20.43
C GLU A 89 -12.87 23.52 19.41
N TYR A 90 -11.67 22.99 19.69
CA TYR A 90 -10.55 23.10 18.78
C TYR A 90 -10.47 21.83 17.97
N ILE A 91 -10.77 21.90 16.70
CA ILE A 91 -10.85 20.72 15.86
C ILE A 91 -9.59 20.51 15.03
N VAL A 92 -8.93 19.36 15.18
CA VAL A 92 -7.80 19.01 14.35
C VAL A 92 -8.40 18.38 13.12
N GLU A 93 -8.15 18.95 11.98
CA GLU A 93 -8.71 18.40 10.77
C GLU A 93 -7.61 17.60 10.08
N SER A 94 -7.63 16.26 10.30
CA SER A 94 -6.61 15.40 9.72
C SER A 94 -7.06 14.37 8.71
N THR A 95 -8.15 14.57 7.97
CA THR A 95 -8.57 13.60 6.95
C THR A 95 -7.72 13.77 5.70
N GLY A 96 -7.15 14.97 5.54
CA GLY A 96 -6.46 15.36 4.33
C GLY A 96 -7.36 15.83 3.20
N VAL A 97 -8.67 15.93 3.41
CA VAL A 97 -9.63 16.23 2.36
C VAL A 97 -10.35 17.56 2.49
N PHE A 98 -10.20 18.26 3.62
CA PHE A 98 -10.90 19.52 3.88
C PHE A 98 -9.88 20.57 4.27
N THR A 99 -8.93 20.77 3.35
CA THR A 99 -7.81 21.62 3.67
C THR A 99 -7.92 23.09 3.29
N THR A 100 -9.03 23.55 2.70
CA THR A 100 -9.21 24.97 2.37
C THR A 100 -10.11 25.58 3.41
N ILE A 101 -10.18 26.90 3.57
CA ILE A 101 -11.06 27.54 4.51
C ILE A 101 -12.51 27.23 4.15
N GLU A 102 -12.85 27.06 2.87
CA GLU A 102 -14.23 26.82 2.50
C GLU A 102 -14.65 25.46 3.06
N LYS A 103 -13.81 24.45 2.75
CA LYS A 103 -14.10 23.11 3.17
C LYS A 103 -13.95 22.86 4.67
N ALA A 104 -12.89 23.39 5.29
CA ALA A 104 -12.69 23.29 6.72
C ALA A 104 -13.80 23.99 7.48
N SER A 105 -14.42 25.02 6.89
CA SER A 105 -15.50 25.76 7.55
C SER A 105 -16.76 24.95 7.85
N ALA A 106 -16.94 23.83 7.16
CA ALA A 106 -18.00 22.90 7.50
C ALA A 106 -18.06 22.55 9.01
N HIS A 107 -16.92 22.47 9.71
CA HIS A 107 -16.93 22.17 11.14
C HIS A 107 -17.65 23.18 12.00
N PHE A 108 -17.85 24.39 11.49
CA PHE A 108 -18.49 25.44 12.27
C PHE A 108 -19.98 25.19 12.49
N LYS A 109 -20.55 24.47 11.52
CA LYS A 109 -21.96 24.11 11.53
C LYS A 109 -22.33 23.26 12.74
N GLY A 110 -21.33 22.54 13.23
CA GLY A 110 -21.48 21.61 14.33
C GLY A 110 -21.10 22.23 15.64
N GLY A 111 -20.74 23.51 15.65
CA GLY A 111 -20.43 24.15 16.91
C GLY A 111 -18.94 24.27 17.23
N ALA A 112 -18.04 23.94 16.30
CA ALA A 112 -16.60 24.06 16.53
C ALA A 112 -16.20 25.53 16.68
N LYS A 113 -15.20 25.86 17.47
CA LYS A 113 -14.73 27.23 17.54
C LYS A 113 -13.59 27.50 16.57
N LYS A 114 -12.58 26.62 16.52
CA LYS A 114 -11.36 26.87 15.76
C LYS A 114 -11.05 25.59 15.02
N VAL A 115 -10.48 25.64 13.81
CA VAL A 115 -10.09 24.45 13.08
C VAL A 115 -8.61 24.61 12.78
N ILE A 116 -7.84 23.52 12.95
CA ILE A 116 -6.40 23.46 12.68
C ILE A 116 -6.25 22.40 11.59
N ILE A 117 -5.88 22.76 10.36
CA ILE A 117 -5.73 21.81 9.26
C ILE A 117 -4.34 21.22 9.48
N SER A 118 -4.24 19.88 9.47
CA SER A 118 -2.96 19.24 9.71
C SER A 118 -2.26 18.98 8.37
N ALA A 119 -2.21 19.98 7.53
CA ALA A 119 -1.66 19.88 6.20
C ALA A 119 -1.51 21.31 5.66
N PRO A 120 -0.74 21.57 4.57
CA PRO A 120 -0.76 22.85 3.87
C PRO A 120 -2.19 23.17 3.47
N SER A 121 -2.53 24.44 3.50
CA SER A 121 -3.84 24.88 3.07
C SER A 121 -3.58 25.88 1.94
N ALA A 122 -4.43 25.92 0.92
CA ALA A 122 -4.25 26.91 -0.13
C ALA A 122 -4.48 28.33 0.33
N ASP A 123 -5.22 28.54 1.42
CA ASP A 123 -5.56 29.87 1.90
C ASP A 123 -5.63 30.09 3.40
N ALA A 124 -5.65 29.09 4.28
CA ALA A 124 -5.68 29.31 5.72
C ALA A 124 -4.27 29.73 6.09
N PRO A 125 -4.04 30.65 7.02
CA PRO A 125 -2.70 31.01 7.44
C PRO A 125 -1.97 29.78 7.94
N MET A 126 -0.73 29.59 7.48
CA MET A 126 0.13 28.49 7.87
C MET A 126 1.11 28.83 8.97
N PHE A 127 1.19 27.98 10.00
CA PHE A 127 2.09 28.23 11.11
C PHE A 127 3.13 27.15 11.25
N VAL A 128 4.33 27.53 11.72
CA VAL A 128 5.38 26.59 12.05
C VAL A 128 5.85 27.17 13.40
N CYS A 129 5.71 26.25 14.37
CA CYS A 129 6.08 26.50 15.78
C CYS A 129 7.57 26.81 15.81
N GLY A 130 7.95 27.84 16.57
CA GLY A 130 9.35 28.28 16.68
C GLY A 130 9.69 29.25 15.58
N VAL A 131 8.90 29.37 14.50
CA VAL A 131 9.25 30.25 13.40
C VAL A 131 8.30 31.44 13.30
N ASN A 132 6.97 31.32 13.29
CA ASN A 132 6.12 32.48 13.05
C ASN A 132 4.88 32.47 13.91
N LEU A 133 4.94 31.93 15.16
CA LEU A 133 3.73 31.83 15.97
C LEU A 133 3.16 33.17 16.45
N GLU A 134 4.08 34.11 16.54
CA GLU A 134 3.82 35.51 16.84
C GLU A 134 2.78 36.07 15.86
N LYS A 135 2.61 35.60 14.61
CA LYS A 135 1.61 36.12 13.70
C LYS A 135 0.18 35.66 13.97
N TYR A 136 -0.03 34.71 14.88
CA TYR A 136 -1.37 34.19 15.09
C TYR A 136 -2.20 35.20 15.88
N SER A 137 -3.44 35.42 15.51
CA SER A 137 -4.29 36.30 16.28
C SER A 137 -5.65 35.63 16.47
N LYS A 138 -6.34 35.97 17.56
CA LYS A 138 -7.53 35.25 17.93
C LYS A 138 -8.70 35.31 16.99
N ASP A 139 -8.63 36.14 15.97
CA ASP A 139 -9.72 36.22 15.01
C ASP A 139 -9.49 35.23 13.88
N MET A 140 -8.33 34.56 13.90
CA MET A 140 -8.08 33.55 12.90
C MET A 140 -8.84 32.29 13.35
N LYS A 141 -9.84 31.92 12.57
CA LYS A 141 -10.72 30.80 12.82
C LYS A 141 -10.24 29.45 12.28
N VAL A 142 -9.53 29.47 11.14
CA VAL A 142 -9.05 28.27 10.48
C VAL A 142 -7.59 28.53 10.23
N VAL A 143 -6.71 27.69 10.75
CA VAL A 143 -5.27 27.84 10.56
C VAL A 143 -4.75 26.49 10.05
N SER A 144 -3.53 26.47 9.53
CA SER A 144 -2.91 25.25 9.07
C SER A 144 -1.60 25.10 9.84
N ASN A 145 -1.22 23.86 10.15
CA ASN A 145 0.08 23.62 10.76
C ASN A 145 1.14 23.26 9.68
N ALA A 146 0.86 23.54 8.39
CA ALA A 146 1.75 23.30 7.25
C ALA A 146 2.06 21.82 7.12
N SER A 147 3.07 21.40 6.37
CA SER A 147 3.37 19.99 6.26
C SER A 147 4.54 19.64 7.19
N CYS A 148 4.84 18.35 7.30
CA CYS A 148 5.94 17.82 8.09
C CYS A 148 7.24 18.28 7.47
N THR A 149 7.36 18.31 6.14
CA THR A 149 8.62 18.77 5.53
C THR A 149 8.80 20.27 5.73
N THR A 150 7.76 21.08 5.65
CA THR A 150 7.92 22.50 5.93
C THR A 150 8.33 22.68 7.39
N ASN A 151 7.82 21.87 8.35
CA ASN A 151 8.20 22.02 9.74
C ASN A 151 9.64 21.61 9.95
N CYS A 152 10.24 20.78 9.10
CA CYS A 152 11.64 20.48 9.21
C CYS A 152 12.48 21.58 8.56
N LEU A 153 12.05 22.01 7.35
CA LEU A 153 12.83 22.96 6.57
C LEU A 153 12.80 24.35 7.20
N ALA A 154 11.63 24.85 7.58
CA ALA A 154 11.55 26.23 8.07
C ALA A 154 12.43 26.58 9.27
N PRO A 155 12.61 25.80 10.35
CA PRO A 155 13.61 26.09 11.39
C PRO A 155 15.04 26.32 10.90
N VAL A 156 15.48 25.39 10.06
CA VAL A 156 16.83 25.39 9.52
C VAL A 156 16.99 26.56 8.54
N ALA A 157 15.97 26.88 7.74
CA ALA A 157 16.09 28.00 6.80
C ALA A 157 16.12 29.33 7.60
N LYS A 158 15.32 29.43 8.66
CA LYS A 158 15.36 30.59 9.56
C LYS A 158 16.76 30.88 10.10
N VAL A 159 17.45 29.87 10.64
CA VAL A 159 18.78 30.07 11.19
C VAL A 159 19.76 30.52 10.11
N LEU A 160 19.74 29.84 8.95
CA LEU A 160 20.67 30.18 7.86
C LEU A 160 20.39 31.58 7.32
N HIS A 161 19.12 31.96 7.07
CA HIS A 161 18.77 33.27 6.55
C HIS A 161 19.17 34.32 7.55
N GLU A 162 18.77 34.24 8.83
CA GLU A 162 19.20 35.18 9.86
C GLU A 162 20.68 35.38 10.02
N ASN A 163 21.48 34.33 9.88
CA ASN A 163 22.91 34.52 10.07
C ASN A 163 23.70 34.80 8.81
N PHE A 164 23.31 34.22 7.67
CA PHE A 164 24.18 34.27 6.49
C PHE A 164 23.48 34.71 5.26
N GLU A 165 22.15 34.90 5.34
CA GLU A 165 21.31 35.30 4.22
C GLU A 165 21.22 34.21 3.14
N ILE A 166 20.02 33.70 2.84
CA ILE A 166 19.92 32.70 1.80
C ILE A 166 19.65 33.52 0.55
N VAL A 167 20.53 33.39 -0.44
CA VAL A 167 20.29 34.01 -1.74
C VAL A 167 19.30 33.12 -2.51
N GLU A 168 19.55 31.80 -2.57
CA GLU A 168 18.60 30.89 -3.20
C GLU A 168 18.93 29.46 -2.77
N GLY A 169 17.97 28.54 -2.80
CA GLY A 169 18.26 27.21 -2.34
C GLY A 169 17.36 26.23 -3.04
N LEU A 170 17.90 25.01 -3.19
CA LEU A 170 17.15 23.92 -3.77
C LEU A 170 17.20 22.81 -2.74
N MET A 171 16.02 22.29 -2.49
CA MET A 171 15.81 21.24 -1.50
C MET A 171 15.48 19.84 -2.03
N THR A 172 16.06 18.74 -1.55
CA THR A 172 15.49 17.42 -1.78
C THR A 172 15.03 16.82 -0.45
N THR A 173 13.86 16.20 -0.33
CA THR A 173 13.58 15.43 0.86
C THR A 173 13.60 13.93 0.51
N VAL A 174 14.39 13.12 1.22
CA VAL A 174 14.40 11.66 0.99
C VAL A 174 13.38 11.23 2.04
N HIS A 175 12.23 10.79 1.56
CA HIS A 175 11.04 10.66 2.40
C HIS A 175 10.48 9.23 2.52
N ALA A 176 10.14 8.86 3.76
CA ALA A 176 9.52 7.57 4.07
C ALA A 176 8.22 7.44 3.30
N VAL A 177 7.69 6.24 3.09
CA VAL A 177 6.45 6.03 2.39
C VAL A 177 5.30 6.56 3.25
N THR A 178 4.16 6.85 2.60
CA THR A 178 2.96 7.27 3.30
C THR A 178 1.80 6.40 2.78
N ALA A 179 0.66 6.69 3.37
CA ALA A 179 -0.58 6.00 3.12
C ALA A 179 -1.08 6.24 1.71
N THR A 180 -0.69 7.30 0.98
CA THR A 180 -1.21 7.44 -0.37
C THR A 180 -0.40 6.54 -1.32
N GLN A 181 0.67 5.85 -0.93
CA GLN A 181 1.37 5.03 -1.89
C GLN A 181 0.75 3.63 -2.02
N LYS A 182 1.27 2.75 -2.89
CA LYS A 182 0.67 1.44 -3.20
C LYS A 182 1.62 0.33 -2.85
N THR A 183 1.13 -0.83 -2.40
CA THR A 183 2.05 -1.92 -2.07
C THR A 183 2.67 -2.51 -3.34
N VAL A 184 1.90 -2.58 -4.43
CA VAL A 184 2.40 -3.10 -5.70
C VAL A 184 1.93 -2.08 -6.72
N ASP A 185 2.41 -2.21 -7.96
CA ASP A 185 2.04 -1.26 -9.04
C ASP A 185 0.56 -1.22 -9.27
N GLY A 186 0.01 -0.07 -8.95
CA GLY A 186 -1.42 0.17 -9.08
C GLY A 186 -1.75 1.60 -9.50
N PRO A 187 -3.03 1.89 -9.71
CA PRO A 187 -3.46 3.16 -10.29
C PRO A 187 -3.44 4.36 -9.34
N SER A 188 -2.70 5.38 -9.74
CA SER A 188 -2.60 6.67 -9.08
C SER A 188 -2.68 7.64 -10.28
N ALA A 189 -3.91 7.94 -10.70
CA ALA A 189 -4.12 8.69 -11.94
C ALA A 189 -3.54 10.11 -11.97
N LYS A 190 -3.60 10.79 -10.83
CA LYS A 190 -3.08 12.13 -10.76
C LYS A 190 -1.58 12.11 -10.53
N ASP A 191 -0.92 10.97 -10.30
CA ASP A 191 0.51 10.92 -10.03
C ASP A 191 0.98 9.52 -10.33
N TRP A 192 1.38 9.35 -11.58
CA TRP A 192 1.78 8.04 -12.06
C TRP A 192 2.92 7.38 -11.32
N ARG A 193 3.97 8.15 -11.03
CA ARG A 193 5.10 7.61 -10.32
C ARG A 193 4.66 7.17 -8.92
N GLY A 194 3.69 7.86 -8.32
CA GLY A 194 3.26 7.54 -6.98
C GLY A 194 2.46 6.24 -6.91
N GLY A 195 2.04 5.61 -8.00
CA GLY A 195 1.31 4.36 -7.96
C GLY A 195 2.27 3.18 -8.08
N ARG A 196 3.56 3.35 -8.41
CA ARG A 196 4.48 2.25 -8.51
C ARG A 196 4.78 1.66 -7.15
N GLY A 197 5.12 0.38 -7.10
CA GLY A 197 5.24 -0.37 -5.84
C GLY A 197 6.19 0.32 -4.89
N ALA A 198 5.67 0.76 -3.74
CA ALA A 198 6.42 1.52 -2.76
C ALA A 198 7.58 0.76 -2.16
N ALA A 199 7.49 -0.54 -1.87
CA ALA A 199 8.60 -1.30 -1.31
C ALA A 199 9.74 -1.59 -2.30
N GLN A 200 9.48 -1.46 -3.60
CA GLN A 200 10.50 -1.83 -4.57
C GLN A 200 11.26 -0.64 -5.10
N ASN A 201 10.73 0.57 -4.90
CA ASN A 201 11.21 1.70 -5.67
C ASN A 201 11.68 2.96 -4.95
N ILE A 202 12.67 3.65 -5.57
CA ILE A 202 12.99 5.06 -5.27
C ILE A 202 12.04 5.75 -6.28
N ILE A 203 11.11 6.56 -5.79
CA ILE A 203 10.07 7.19 -6.56
C ILE A 203 10.25 8.73 -6.51
N PRO A 204 10.64 9.49 -7.56
CA PRO A 204 10.60 10.96 -7.58
C PRO A 204 9.20 11.47 -7.31
N SER A 205 9.12 12.56 -6.58
CA SER A 205 7.84 13.11 -6.21
C SER A 205 7.98 14.61 -6.02
N SER A 206 6.87 15.31 -6.00
CA SER A 206 6.82 16.75 -5.87
C SER A 206 6.62 17.12 -4.43
N THR A 207 6.91 18.33 -4.01
CA THR A 207 6.72 18.73 -2.63
C THR A 207 6.46 20.22 -2.75
N GLY A 208 5.52 20.74 -1.98
CA GLY A 208 5.24 22.15 -1.99
C GLY A 208 6.04 22.81 -0.89
N ALA A 209 6.58 22.00 0.04
CA ALA A 209 7.34 22.41 1.19
C ALA A 209 8.27 23.58 1.11
N ALA A 210 9.13 23.62 0.12
CA ALA A 210 10.06 24.72 -0.01
C ALA A 210 9.37 26.01 -0.46
N LYS A 211 8.29 25.91 -1.22
CA LYS A 211 7.53 27.09 -1.60
C LYS A 211 6.86 27.58 -0.33
N ALA A 212 6.17 26.67 0.39
CA ALA A 212 5.47 27.00 1.63
C ALA A 212 6.38 27.69 2.66
N VAL A 213 7.70 27.45 2.71
CA VAL A 213 8.54 28.19 3.64
C VAL A 213 8.55 29.70 3.29
N GLY A 214 8.30 30.04 2.02
CA GLY A 214 8.18 31.42 1.56
C GLY A 214 6.97 32.09 2.17
N LYS A 215 5.91 31.34 2.49
CA LYS A 215 4.76 31.94 3.15
C LYS A 215 4.97 32.09 4.65
N VAL A 216 5.77 31.20 5.25
CA VAL A 216 6.08 31.21 6.68
C VAL A 216 7.16 32.21 7.02
N ILE A 217 8.16 32.39 6.15
CA ILE A 217 9.25 33.32 6.37
C ILE A 217 9.13 34.15 5.09
N PRO A 218 8.45 35.30 5.15
CA PRO A 218 8.09 36.05 3.95
C PRO A 218 9.32 36.47 3.19
N GLU A 219 10.44 36.77 3.84
CA GLU A 219 11.61 37.22 3.11
C GLU A 219 12.20 36.09 2.25
N LEU A 220 11.78 34.82 2.39
CA LEU A 220 12.32 33.74 1.56
C LEU A 220 11.44 33.40 0.38
N ASP A 221 10.33 34.11 0.24
CA ASP A 221 9.41 33.92 -0.86
C ASP A 221 10.08 34.00 -2.22
N GLY A 222 9.98 32.88 -2.92
CA GLY A 222 10.47 32.80 -4.28
C GLY A 222 11.93 32.44 -4.31
N LYS A 223 12.62 32.21 -3.20
CA LYS A 223 14.05 31.87 -3.19
C LYS A 223 14.35 30.38 -2.95
N LEU A 224 13.31 29.56 -2.85
CA LEU A 224 13.49 28.15 -2.47
C LEU A 224 12.52 27.34 -3.28
N THR A 225 12.97 26.22 -3.83
CA THR A 225 12.01 25.27 -4.35
C THR A 225 12.65 23.89 -4.13
N GLY A 226 12.02 22.78 -4.49
CA GLY A 226 12.64 21.49 -4.29
C GLY A 226 11.75 20.33 -4.69
N MET A 227 12.15 19.12 -4.36
CA MET A 227 11.43 17.93 -4.76
C MET A 227 11.67 16.87 -3.66
N ALA A 228 11.01 15.71 -3.81
CA ALA A 228 11.07 14.54 -2.91
C ALA A 228 11.49 13.29 -3.66
N PHE A 229 12.19 12.38 -2.99
CA PHE A 229 12.33 11.01 -3.46
C PHE A 229 11.65 10.18 -2.36
N ARG A 230 10.61 9.41 -2.66
CA ARG A 230 10.00 8.49 -1.70
C ARG A 230 10.83 7.19 -1.72
N VAL A 231 11.29 6.67 -0.56
CA VAL A 231 12.16 5.49 -0.54
C VAL A 231 11.53 4.42 0.38
N PRO A 232 11.85 3.12 0.36
CA PRO A 232 11.09 2.13 1.11
C PRO A 232 11.38 2.14 2.64
N THR A 233 10.99 3.11 3.45
CA THR A 233 11.18 2.99 4.90
C THR A 233 9.88 3.50 5.51
N PRO A 234 9.48 3.04 6.70
CA PRO A 234 8.10 3.24 7.09
C PRO A 234 7.88 4.59 7.75
N ASN A 235 8.96 5.25 8.19
CA ASN A 235 8.83 6.54 8.87
C ASN A 235 10.22 7.07 9.06
N VAL A 236 10.29 8.38 9.20
CA VAL A 236 11.47 9.24 9.36
C VAL A 236 12.04 9.58 7.97
N SER A 237 12.20 10.90 7.77
CA SER A 237 12.64 11.47 6.55
C SER A 237 13.82 12.42 6.77
N VAL A 238 14.46 12.90 5.70
CA VAL A 238 15.61 13.76 5.82
C VAL A 238 15.55 14.82 4.71
N VAL A 239 15.82 16.07 5.10
CA VAL A 239 15.85 17.20 4.19
C VAL A 239 17.33 17.42 3.84
N ASP A 240 17.57 17.53 2.54
CA ASP A 240 18.91 17.76 2.05
C ASP A 240 18.80 19.15 1.38
N LEU A 241 19.38 20.20 1.95
CA LEU A 241 19.20 21.55 1.44
C LEU A 241 20.49 22.08 0.85
N THR A 242 20.52 22.45 -0.44
CA THR A 242 21.74 23.02 -1.03
C THR A 242 21.45 24.51 -1.13
N VAL A 243 22.31 25.32 -0.53
CA VAL A 243 21.99 26.72 -0.37
C VAL A 243 23.20 27.54 -0.79
N ARG A 244 22.85 28.63 -1.45
CA ARG A 244 23.83 29.64 -1.79
C ARG A 244 23.58 30.79 -0.77
N LEU A 245 24.62 31.22 -0.07
CA LEU A 245 24.55 32.14 1.07
C LEU A 245 25.10 33.52 0.72
N GLY A 246 24.60 34.56 1.36
CA GLY A 246 25.03 35.93 1.13
C GLY A 246 26.34 36.20 1.85
N LYS A 247 26.64 35.67 3.03
CA LYS A 247 27.87 36.00 3.73
C LYS A 247 28.77 34.80 3.65
N GLU A 248 30.06 35.05 3.50
CA GLU A 248 31.04 33.98 3.48
C GLU A 248 31.11 33.38 4.86
N CYS A 249 31.19 32.05 4.97
CA CYS A 249 31.30 31.42 6.28
C CYS A 249 31.96 30.08 6.09
N SER A 250 32.31 29.53 7.24
CA SER A 250 32.83 28.21 7.26
C SER A 250 31.68 27.34 7.77
N TYR A 251 31.90 26.05 7.54
CA TYR A 251 30.95 25.10 8.08
C TYR A 251 30.90 25.16 9.61
N ASP A 252 32.00 25.45 10.34
CA ASP A 252 31.92 25.57 11.77
C ASP A 252 31.04 26.72 12.20
N ASP A 253 30.92 27.79 11.39
CA ASP A 253 30.01 28.87 11.70
C ASP A 253 28.60 28.42 11.60
N ILE A 254 28.29 27.62 10.54
CA ILE A 254 26.93 27.08 10.40
C ILE A 254 26.60 26.16 11.60
N LYS A 255 27.52 25.26 11.99
CA LYS A 255 27.28 24.36 13.13
C LYS A 255 27.08 25.14 14.43
N ALA A 256 27.98 26.09 14.75
CA ALA A 256 27.80 26.92 15.93
C ALA A 256 26.48 27.70 15.92
N ALA A 257 26.01 28.20 14.76
CA ALA A 257 24.73 28.88 14.68
C ALA A 257 23.55 27.96 14.97
N MET A 258 23.66 26.73 14.45
CA MET A 258 22.58 25.74 14.66
C MET A 258 22.54 25.31 16.15
N LYS A 259 23.72 25.00 16.74
CA LYS A 259 23.82 24.63 18.15
C LYS A 259 23.23 25.71 19.06
N ALA A 260 23.58 26.99 18.80
CA ALA A 260 23.08 28.12 19.57
C ALA A 260 21.57 28.27 19.43
N ALA A 261 20.99 28.15 18.23
CA ALA A 261 19.55 28.22 18.12
C ALA A 261 18.84 27.03 18.76
N SER A 262 19.34 25.81 18.75
CA SER A 262 18.67 24.68 19.37
C SER A 262 18.69 24.81 20.90
N GLU A 263 19.66 25.55 21.46
CA GLU A 263 19.71 25.85 22.90
C GLU A 263 18.84 27.00 23.35
N GLY A 264 18.34 27.85 22.46
CA GLY A 264 17.60 29.01 22.88
C GLY A 264 16.27 29.17 22.20
N PRO A 265 16.09 30.10 21.27
CA PRO A 265 14.79 30.37 20.65
C PRO A 265 14.15 29.20 19.96
N LEU A 266 14.92 28.20 19.49
CA LEU A 266 14.32 27.06 18.82
C LEU A 266 14.46 25.83 19.68
N GLN A 267 14.67 25.89 21.01
CA GLN A 267 14.80 24.64 21.78
C GLN A 267 13.48 23.88 21.76
N GLY A 268 13.58 22.58 21.49
CA GLY A 268 12.40 21.74 21.42
C GLY A 268 11.89 21.62 19.98
N VAL A 269 12.28 22.54 19.11
CA VAL A 269 11.83 22.52 17.72
C VAL A 269 13.02 22.07 16.88
N LEU A 270 14.20 22.67 16.99
CA LEU A 270 15.36 22.29 16.25
C LEU A 270 16.31 21.61 17.20
N GLY A 271 16.84 20.45 16.86
CA GLY A 271 17.79 19.75 17.69
C GLY A 271 19.10 19.80 16.93
N TYR A 272 20.10 19.27 17.53
CA TYR A 272 21.42 19.29 17.00
C TYR A 272 22.13 18.00 17.33
N THR A 273 22.84 17.35 16.42
CA THR A 273 23.65 16.22 16.80
C THR A 273 24.88 16.25 15.96
N GLU A 274 25.90 15.71 16.61
CA GLU A 274 27.18 15.43 16.00
C GLU A 274 27.39 13.91 16.00
N ASP A 275 26.47 13.02 16.38
CA ASP A 275 26.72 11.59 16.24
C ASP A 275 26.51 10.98 14.86
N ASP A 276 26.89 9.70 14.68
CA ASP A 276 26.78 8.98 13.41
C ASP A 276 25.40 8.37 13.29
N VAL A 277 24.37 9.19 13.27
CA VAL A 277 22.98 8.76 13.23
C VAL A 277 22.46 8.29 11.88
N VAL A 278 21.40 7.46 11.95
CA VAL A 278 20.75 6.93 10.76
C VAL A 278 19.28 7.14 10.99
N SER A 279 18.36 7.01 10.03
CA SER A 279 16.97 7.34 10.30
C SER A 279 16.27 6.61 11.48
N CYS A 280 16.44 5.30 11.74
CA CYS A 280 15.82 4.66 12.91
C CYS A 280 16.16 5.34 14.22
N ASP A 281 17.25 6.10 14.32
CA ASP A 281 17.54 6.84 15.52
C ASP A 281 16.58 7.99 15.80
N PHE A 282 15.71 8.38 14.87
CA PHE A 282 14.77 9.44 15.12
C PHE A 282 13.35 8.95 15.21
N THR A 283 13.08 7.64 15.29
CA THR A 283 11.71 7.21 15.42
C THR A 283 11.26 7.59 16.82
N GLY A 284 10.12 8.27 16.96
CA GLY A 284 9.62 8.74 18.23
C GLY A 284 10.26 10.05 18.64
N ASP A 285 11.09 10.73 17.82
CA ASP A 285 11.73 11.96 18.26
C ASP A 285 10.71 13.07 18.18
N ASN A 286 10.65 13.85 19.27
CA ASN A 286 9.68 14.95 19.35
C ASN A 286 9.97 16.23 18.58
N ARG A 287 11.23 16.46 18.19
CA ARG A 287 11.65 17.71 17.55
C ARG A 287 11.15 17.81 16.11
N SER A 288 11.10 19.02 15.55
CA SER A 288 10.62 19.21 14.21
C SER A 288 11.75 18.99 13.23
N SER A 289 13.00 19.16 13.65
CA SER A 289 14.11 19.22 12.71
C SER A 289 15.39 18.91 13.49
N ILE A 290 16.19 17.91 13.15
CA ILE A 290 17.44 17.63 13.87
C ILE A 290 18.59 17.76 12.91
N PHE A 291 19.39 18.83 13.08
CA PHE A 291 20.52 19.15 12.26
C PHE A 291 21.58 18.12 12.51
N ASP A 292 22.03 17.53 11.40
CA ASP A 292 23.05 16.50 11.43
C ASP A 292 24.35 17.18 11.06
N ALA A 293 25.17 17.49 12.04
CA ALA A 293 26.37 18.23 11.77
C ALA A 293 27.37 17.49 10.91
N LYS A 294 27.55 16.19 11.12
CA LYS A 294 28.55 15.47 10.39
C LYS A 294 28.20 15.12 8.97
N ALA A 295 26.95 15.15 8.56
CA ALA A 295 26.61 14.77 7.22
C ALA A 295 26.65 15.98 6.27
N GLY A 296 26.62 17.25 6.69
CA GLY A 296 26.59 18.31 5.71
C GLY A 296 27.98 18.55 5.12
N ILE A 297 28.09 19.28 4.02
CA ILE A 297 29.36 19.52 3.34
C ILE A 297 29.28 20.95 2.85
N GLN A 298 30.39 21.66 2.77
CA GLN A 298 30.41 23.04 2.33
C GLN A 298 31.34 23.02 1.13
N LEU A 299 30.97 23.48 -0.07
CA LEU A 299 31.91 23.45 -1.20
C LEU A 299 32.73 24.73 -1.15
N SER A 300 32.11 25.86 -0.88
CA SER A 300 32.88 27.05 -0.75
C SER A 300 32.23 27.87 0.36
N LYS A 301 32.81 29.04 0.65
CA LYS A 301 32.32 29.96 1.66
C LYS A 301 30.89 30.39 1.49
N THR A 302 30.24 30.25 0.32
CA THR A 302 28.85 30.63 0.23
C THR A 302 28.01 29.53 -0.38
N PHE A 303 28.46 28.26 -0.50
CA PHE A 303 27.63 27.24 -1.14
C PHE A 303 27.81 25.99 -0.31
N VAL A 304 26.73 25.48 0.27
CA VAL A 304 26.82 24.40 1.24
C VAL A 304 25.59 23.52 1.17
N LYS A 305 25.67 22.32 1.74
CA LYS A 305 24.57 21.37 1.74
C LYS A 305 24.32 21.03 3.22
N VAL A 306 23.09 21.19 3.68
CA VAL A 306 22.70 20.98 5.06
C VAL A 306 21.70 19.82 5.12
N VAL A 307 21.81 18.96 6.14
CA VAL A 307 21.01 17.75 6.32
C VAL A 307 20.29 17.83 7.67
N SER A 308 18.97 17.71 7.68
CA SER A 308 18.20 17.75 8.89
C SER A 308 17.21 16.60 8.87
N TRP A 309 17.09 15.84 9.96
CA TRP A 309 16.18 14.70 10.06
C TRP A 309 14.84 15.12 10.64
N TYR A 310 13.76 14.37 10.40
CA TYR A 310 12.50 14.62 11.04
C TYR A 310 11.67 13.35 11.04
N ASP A 311 10.99 13.06 12.16
CA ASP A 311 10.05 11.96 12.18
C ASP A 311 8.77 12.59 11.69
N ASN A 312 8.49 12.32 10.42
CA ASN A 312 7.37 12.94 9.75
C ASN A 312 6.04 12.67 10.37
N GLU A 313 5.83 11.55 11.03
CA GLU A 313 4.59 11.30 11.76
C GLU A 313 4.57 11.92 13.18
N PHE A 314 5.61 11.63 13.97
CA PHE A 314 5.58 11.91 15.42
C PHE A 314 5.89 13.35 15.82
N GLY A 315 6.98 13.94 15.32
CA GLY A 315 7.33 15.33 15.65
C GLY A 315 6.20 16.25 15.19
N TYR A 316 5.65 16.08 13.98
CA TYR A 316 4.52 16.85 13.48
C TYR A 316 3.32 16.75 14.40
N SER A 317 2.92 15.55 14.84
CA SER A 317 1.83 15.40 15.80
C SER A 317 2.06 16.16 17.11
N GLN A 318 3.26 16.25 17.64
CA GLN A 318 3.48 17.02 18.85
C GLN A 318 3.31 18.52 18.56
N ARG A 319 3.75 18.96 17.36
CA ARG A 319 3.58 20.37 16.94
C ARG A 319 2.11 20.75 16.78
N VAL A 320 1.24 19.83 16.34
CA VAL A 320 -0.19 20.11 16.30
C VAL A 320 -0.69 20.51 17.73
N ILE A 321 -0.24 19.81 18.78
CA ILE A 321 -0.65 20.08 20.17
C ILE A 321 -0.04 21.39 20.64
N ASP A 322 1.22 21.64 20.29
CA ASP A 322 1.89 22.89 20.55
C ASP A 322 1.22 24.08 19.89
N LEU A 323 0.83 23.97 18.64
CA LEU A 323 0.15 25.04 17.98
C LEU A 323 -1.15 25.21 18.75
N ILE A 324 -1.93 24.16 19.06
CA ILE A 324 -3.19 24.41 19.74
C ILE A 324 -3.03 25.09 21.11
N LYS A 325 -2.02 24.70 21.89
CA LYS A 325 -1.79 25.29 23.20
C LYS A 325 -1.43 26.75 23.06
N HIS A 326 -0.58 27.12 22.10
CA HIS A 326 -0.31 28.52 21.81
C HIS A 326 -1.62 29.29 21.49
N MET A 327 -2.45 28.78 20.57
CA MET A 327 -3.69 29.42 20.19
C MET A 327 -4.63 29.63 21.36
N GLN A 328 -4.78 28.69 22.27
CA GLN A 328 -5.72 28.86 23.37
C GLN A 328 -5.19 29.88 24.35
N LYS A 329 -3.88 29.97 24.48
CA LYS A 329 -3.28 30.96 25.35
C LYS A 329 -3.58 32.33 24.74
N VAL A 330 -3.41 32.52 23.44
CA VAL A 330 -3.72 33.79 22.81
C VAL A 330 -5.23 34.06 22.85
N ASP A 331 -6.06 33.06 22.66
CA ASP A 331 -7.48 33.26 22.68
C ASP A 331 -7.98 33.46 24.12
N SER A 332 -7.14 33.35 25.13
CA SER A 332 -7.57 33.55 26.50
C SER A 332 -6.42 34.18 27.30
N ALA A 333 -6.20 35.44 26.91
CA ALA A 333 -5.23 36.34 27.52
C ALA A 333 -5.63 37.75 27.02
N SER B 1 -9.09 -16.41 -31.29
CA SER B 1 -9.14 -16.58 -29.85
C SER B 1 -10.06 -15.51 -29.24
N LYS B 2 -10.04 -14.24 -29.63
CA LYS B 2 -11.01 -13.23 -29.21
C LYS B 2 -11.43 -13.10 -27.76
N ILE B 3 -10.35 -12.80 -27.03
CA ILE B 3 -10.36 -12.64 -25.58
C ILE B 3 -10.60 -11.18 -25.20
N GLY B 4 -11.35 -10.86 -24.17
CA GLY B 4 -11.51 -9.51 -23.70
C GLY B 4 -11.11 -9.48 -22.22
N ILE B 5 -10.63 -8.39 -21.61
CA ILE B 5 -10.19 -8.42 -20.23
C ILE B 5 -10.95 -7.40 -19.40
N ASN B 6 -11.57 -7.73 -18.29
CA ASN B 6 -12.21 -6.71 -17.51
C ASN B 6 -11.36 -6.47 -16.25
N GLY B 7 -10.65 -5.34 -16.15
CA GLY B 7 -9.77 -5.04 -15.03
C GLY B 7 -8.31 -5.10 -15.53
N PHE B 8 -7.64 -3.99 -15.83
CA PHE B 8 -6.26 -4.01 -16.30
C PHE B 8 -5.36 -3.84 -15.06
N GLY B 9 -5.53 -4.72 -14.08
CA GLY B 9 -4.73 -4.68 -12.86
C GLY B 9 -3.50 -5.56 -12.98
N ARG B 10 -2.85 -5.98 -11.87
CA ARG B 10 -1.73 -6.91 -11.97
C ARG B 10 -2.01 -8.14 -12.85
N ILE B 11 -3.19 -8.78 -12.67
CA ILE B 11 -3.57 -9.96 -13.42
C ILE B 11 -3.97 -9.65 -14.86
N GLY B 12 -4.92 -8.71 -14.98
CA GLY B 12 -5.33 -8.20 -16.29
C GLY B 12 -4.16 -7.89 -17.23
N ARG B 13 -3.16 -7.11 -16.79
CA ARG B 13 -2.05 -6.79 -17.67
C ARG B 13 -1.15 -7.97 -18.01
N LEU B 14 -0.89 -8.82 -17.01
CA LEU B 14 -0.01 -9.95 -17.22
C LEU B 14 -0.71 -11.05 -18.01
N VAL B 15 -2.02 -11.18 -17.95
CA VAL B 15 -2.77 -12.07 -18.83
C VAL B 15 -2.55 -11.57 -20.28
N LEU B 16 -2.54 -10.24 -20.55
CA LEU B 16 -2.23 -9.74 -21.88
C LEU B 16 -0.78 -10.05 -22.25
N ARG B 17 0.24 -9.87 -21.40
CA ARG B 17 1.61 -10.27 -21.74
C ARG B 17 1.70 -11.77 -21.98
N ALA B 18 0.93 -12.56 -21.22
CA ALA B 18 0.88 -14.02 -21.36
C ALA B 18 0.29 -14.36 -22.74
N ALA B 19 -0.86 -13.75 -23.07
CA ALA B 19 -1.52 -13.92 -24.35
C ALA B 19 -0.53 -13.65 -25.47
N LEU B 20 0.12 -12.49 -25.47
CA LEU B 20 1.08 -12.14 -26.52
C LEU B 20 2.21 -13.15 -26.58
N GLU B 21 2.72 -13.61 -25.44
CA GLU B 21 3.76 -14.63 -25.38
C GLU B 21 3.31 -15.95 -26.01
N MET B 22 2.06 -16.31 -25.73
CA MET B 22 1.51 -17.57 -26.18
C MET B 22 0.70 -17.45 -27.46
N GLY B 23 0.82 -16.34 -28.19
CA GLY B 23 0.08 -16.15 -29.42
C GLY B 23 -1.45 -16.16 -29.24
N ALA B 24 -2.00 -15.92 -28.07
CA ALA B 24 -3.44 -15.87 -27.96
C ALA B 24 -3.84 -14.49 -28.48
N GLN B 25 -5.12 -14.12 -28.53
CA GLN B 25 -5.53 -12.86 -29.10
C GLN B 25 -6.53 -12.17 -28.21
N VAL B 26 -6.15 -11.00 -27.72
CA VAL B 26 -7.00 -10.16 -26.89
C VAL B 26 -7.46 -9.05 -27.82
N VAL B 27 -8.72 -8.65 -27.74
CA VAL B 27 -9.26 -7.68 -28.66
C VAL B 27 -9.95 -6.56 -27.92
N ALA B 28 -10.08 -6.62 -26.60
CA ALA B 28 -10.74 -5.55 -25.86
C ALA B 28 -10.32 -5.57 -24.40
N VAL B 29 -10.25 -4.39 -23.78
CA VAL B 29 -9.91 -4.25 -22.38
C VAL B 29 -10.89 -3.25 -21.78
N ASN B 30 -11.23 -3.36 -20.51
CA ASN B 30 -12.07 -2.39 -19.86
C ASN B 30 -11.56 -2.06 -18.46
N ASP B 31 -11.43 -0.81 -18.03
CA ASP B 31 -11.14 -0.52 -16.65
C ASP B 31 -11.60 0.93 -16.46
N PRO B 32 -12.58 1.30 -15.62
CA PRO B 32 -12.93 2.67 -15.30
C PRO B 32 -11.76 3.51 -14.82
N PHE B 33 -10.99 2.99 -13.87
CA PHE B 33 -9.92 3.77 -13.26
C PHE B 33 -8.69 4.01 -14.11
N ILE B 34 -8.58 3.55 -15.37
CA ILE B 34 -7.37 3.74 -16.12
C ILE B 34 -7.71 4.20 -17.55
N ALA B 35 -7.60 5.50 -17.80
CA ALA B 35 -7.64 6.06 -19.15
C ALA B 35 -6.58 5.51 -20.12
N LEU B 36 -6.83 5.44 -21.43
CA LEU B 36 -5.92 4.84 -22.39
C LEU B 36 -4.47 5.28 -22.30
N GLU B 37 -4.15 6.55 -22.05
CA GLU B 37 -2.74 6.93 -22.05
C GLU B 37 -2.07 6.39 -20.81
N TYR B 38 -2.82 6.24 -19.72
CA TYR B 38 -2.28 5.67 -18.50
C TYR B 38 -2.15 4.16 -18.75
N MET B 39 -3.08 3.47 -19.43
CA MET B 39 -2.91 2.05 -19.79
C MET B 39 -1.60 1.77 -20.51
N VAL B 40 -1.14 2.68 -21.37
CA VAL B 40 0.12 2.50 -22.09
C VAL B 40 1.28 2.40 -21.09
N TYR B 41 1.25 3.35 -20.14
CA TYR B 41 2.30 3.48 -19.15
C TYR B 41 2.31 2.22 -18.26
N MET B 42 1.15 1.80 -17.75
CA MET B 42 1.06 0.64 -16.86
C MET B 42 1.43 -0.67 -17.52
N PHE B 43 1.09 -0.81 -18.81
CA PHE B 43 1.46 -2.00 -19.53
C PHE B 43 2.95 -2.03 -19.81
N LYS B 44 3.51 -0.89 -20.18
CA LYS B 44 4.90 -0.76 -20.56
C LYS B 44 5.86 -0.96 -19.38
N TYR B 45 5.50 -0.40 -18.22
CA TYR B 45 6.41 -0.44 -17.10
C TYR B 45 5.88 -1.37 -16.03
N ASP B 46 6.74 -2.23 -15.55
CA ASP B 46 6.34 -3.13 -14.49
C ASP B 46 7.50 -3.28 -13.54
N SER B 47 7.28 -2.90 -12.28
CA SER B 47 8.39 -2.97 -11.29
C SER B 47 8.87 -4.40 -11.06
N THR B 48 7.98 -5.41 -11.01
CA THR B 48 8.39 -6.80 -10.75
C THR B 48 8.91 -7.56 -11.98
N HIS B 49 8.20 -7.46 -13.11
CA HIS B 49 8.49 -8.25 -14.31
C HIS B 49 9.23 -7.48 -15.41
N GLY B 50 9.61 -6.22 -15.22
CA GLY B 50 10.35 -5.55 -16.27
C GLY B 50 9.46 -4.92 -17.34
N MET B 51 10.11 -4.01 -18.06
CA MET B 51 9.48 -3.25 -19.13
C MET B 51 9.07 -4.18 -20.27
N PHE B 52 7.90 -3.96 -20.87
CA PHE B 52 7.45 -4.72 -22.01
C PHE B 52 8.41 -4.37 -23.12
N LYS B 53 9.11 -5.34 -23.68
CA LYS B 53 10.00 -5.06 -24.80
C LYS B 53 9.20 -5.27 -26.09
N GLY B 54 8.95 -4.17 -26.76
CA GLY B 54 8.13 -4.19 -27.95
C GLY B 54 7.31 -2.93 -27.89
N GLU B 55 6.58 -2.58 -28.92
CA GLU B 55 5.93 -1.29 -28.95
C GLU B 55 4.57 -1.30 -28.31
N VAL B 56 4.29 -0.29 -27.50
CA VAL B 56 2.99 -0.12 -26.85
C VAL B 56 2.64 1.30 -27.23
N LYS B 57 1.48 1.68 -27.73
CA LYS B 57 1.20 3.07 -28.04
C LYS B 57 -0.30 3.25 -28.02
N ALA B 58 -0.78 4.47 -27.91
CA ALA B 58 -2.18 4.75 -28.06
C ALA B 58 -2.29 5.28 -29.51
N GLU B 59 -3.21 4.72 -30.29
CA GLU B 59 -3.40 5.06 -31.69
C GLU B 59 -4.88 4.96 -31.96
N ASP B 60 -5.49 6.09 -32.31
CA ASP B 60 -6.91 6.19 -32.64
C ASP B 60 -7.89 5.64 -31.60
N GLY B 61 -7.61 5.97 -30.33
CA GLY B 61 -8.48 5.53 -29.25
C GLY B 61 -8.34 4.04 -28.91
N ALA B 62 -7.36 3.38 -29.52
CA ALA B 62 -7.08 2.01 -29.24
C ALA B 62 -5.66 1.92 -28.66
N LEU B 63 -5.44 0.84 -27.94
CA LEU B 63 -4.15 0.50 -27.40
C LEU B 63 -3.57 -0.37 -28.51
N VAL B 64 -2.33 -0.17 -28.91
CA VAL B 64 -1.77 -0.96 -29.97
C VAL B 64 -0.52 -1.55 -29.36
N VAL B 65 -0.51 -2.88 -29.24
CA VAL B 65 0.63 -3.57 -28.68
C VAL B 65 1.21 -4.50 -29.74
N ASP B 66 2.45 -4.24 -30.16
CA ASP B 66 3.14 -5.00 -31.20
C ASP B 66 2.39 -5.19 -32.52
N GLY B 67 1.61 -4.19 -32.90
CA GLY B 67 0.79 -4.25 -34.09
C GLY B 67 -0.67 -4.57 -33.73
N LYS B 68 -0.93 -5.26 -32.64
CA LYS B 68 -2.29 -5.61 -32.28
C LYS B 68 -3.06 -4.42 -31.75
N LYS B 69 -4.10 -4.03 -32.46
CA LYS B 69 -4.95 -2.96 -32.00
C LYS B 69 -5.89 -3.58 -30.97
N ILE B 70 -6.18 -2.93 -29.84
CA ILE B 70 -7.00 -3.50 -28.80
C ILE B 70 -7.96 -2.37 -28.46
N THR B 71 -9.23 -2.67 -28.49
CA THR B 71 -10.24 -1.68 -28.21
C THR B 71 -10.32 -1.46 -26.71
N VAL B 72 -10.37 -0.22 -26.26
CA VAL B 72 -10.38 0.08 -24.84
C VAL B 72 -11.79 0.49 -24.46
N PHE B 73 -12.18 0.41 -23.17
CA PHE B 73 -13.45 0.90 -22.66
C PHE B 73 -13.16 1.30 -21.22
N ASN B 74 -13.97 2.16 -20.58
CA ASN B 74 -13.72 2.55 -19.18
C ASN B 74 -15.01 2.49 -18.36
N GLU B 75 -15.76 1.40 -18.55
CA GLU B 75 -17.03 1.19 -17.88
C GLU B 75 -16.88 0.76 -16.44
N MET B 76 -17.67 1.45 -15.63
CA MET B 76 -17.78 1.14 -14.22
C MET B 76 -18.75 -0.03 -13.99
N LYS B 77 -19.72 -0.21 -14.90
CA LYS B 77 -20.72 -1.26 -14.81
C LYS B 77 -20.52 -2.34 -15.87
N PRO B 78 -20.41 -3.64 -15.54
CA PRO B 78 -20.16 -4.70 -16.51
C PRO B 78 -21.23 -4.87 -17.59
N GLU B 79 -22.44 -4.39 -17.28
CA GLU B 79 -23.59 -4.51 -18.17
C GLU B 79 -23.50 -3.59 -19.38
N ASN B 80 -22.63 -2.58 -19.23
CA ASN B 80 -22.47 -1.51 -20.19
C ASN B 80 -21.24 -1.66 -21.06
N ILE B 81 -20.47 -2.76 -20.94
CA ILE B 81 -19.28 -2.95 -21.74
C ILE B 81 -19.74 -3.65 -23.03
N PRO B 82 -19.53 -3.04 -24.19
CA PRO B 82 -19.95 -3.56 -25.47
C PRO B 82 -19.08 -4.67 -26.04
N TRP B 83 -18.96 -5.86 -25.42
CA TRP B 83 -18.03 -6.89 -25.91
C TRP B 83 -18.26 -7.28 -27.36
N SER B 84 -19.54 -7.35 -27.72
CA SER B 84 -20.03 -7.60 -29.07
C SER B 84 -19.45 -6.64 -30.09
N LYS B 85 -19.37 -5.37 -29.69
CA LYS B 85 -18.89 -4.30 -30.53
C LYS B 85 -17.37 -4.34 -30.69
N ALA B 86 -16.64 -4.98 -29.78
CA ALA B 86 -15.20 -5.16 -29.96
C ALA B 86 -14.83 -6.51 -30.61
N GLY B 87 -15.72 -7.51 -30.51
CA GLY B 87 -15.48 -8.84 -31.05
C GLY B 87 -14.96 -9.81 -29.99
N ALA B 88 -15.21 -9.48 -28.72
CA ALA B 88 -14.68 -10.27 -27.63
C ALA B 88 -15.71 -11.29 -27.19
N GLU B 89 -15.33 -12.55 -27.45
CA GLU B 89 -16.12 -13.73 -27.09
C GLU B 89 -15.84 -14.22 -25.67
N TYR B 90 -14.55 -14.43 -25.34
CA TYR B 90 -14.07 -15.00 -24.09
C TYR B 90 -13.55 -13.93 -23.14
N ILE B 91 -14.26 -13.63 -22.09
CA ILE B 91 -13.90 -12.56 -21.19
C ILE B 91 -13.14 -13.05 -19.97
N VAL B 92 -12.02 -12.43 -19.63
CA VAL B 92 -11.24 -12.74 -18.45
C VAL B 92 -11.69 -11.75 -17.37
N GLU B 93 -12.26 -12.20 -16.28
CA GLU B 93 -12.74 -11.28 -15.30
C GLU B 93 -11.83 -11.10 -14.07
N SER B 94 -10.99 -10.06 -14.25
CA SER B 94 -9.91 -9.69 -13.35
C SER B 94 -10.20 -8.55 -12.37
N THR B 95 -11.43 -8.17 -12.00
CA THR B 95 -11.56 -6.99 -11.15
C THR B 95 -11.43 -7.22 -9.65
N GLY B 96 -11.64 -8.48 -9.24
CA GLY B 96 -11.72 -8.84 -7.84
C GLY B 96 -13.10 -8.51 -7.26
N VAL B 97 -14.12 -8.36 -8.11
CA VAL B 97 -15.42 -7.91 -7.65
C VAL B 97 -16.52 -8.74 -8.32
N PHE B 98 -16.51 -9.17 -9.59
CA PHE B 98 -17.68 -9.90 -10.13
C PHE B 98 -17.41 -11.40 -10.24
N THR B 99 -17.20 -11.89 -9.03
CA THR B 99 -16.74 -13.25 -8.77
C THR B 99 -17.79 -14.32 -8.62
N THR B 100 -19.01 -13.96 -8.23
CA THR B 100 -20.08 -14.96 -8.16
C THR B 100 -20.62 -15.13 -9.58
N ILE B 101 -21.36 -16.20 -9.88
CA ILE B 101 -21.99 -16.41 -11.18
C ILE B 101 -22.86 -15.19 -11.46
N GLU B 102 -23.71 -14.83 -10.48
CA GLU B 102 -24.62 -13.70 -10.58
C GLU B 102 -23.90 -12.47 -11.10
N LYS B 103 -22.89 -12.05 -10.35
CA LYS B 103 -22.12 -10.90 -10.73
C LYS B 103 -21.37 -11.02 -12.04
N ALA B 104 -20.69 -12.12 -12.33
CA ALA B 104 -19.99 -12.26 -13.60
C ALA B 104 -20.96 -12.40 -14.77
N SER B 105 -22.22 -12.68 -14.48
CA SER B 105 -23.20 -12.78 -15.52
C SER B 105 -23.58 -11.42 -16.11
N ALA B 106 -23.20 -10.31 -15.45
CA ALA B 106 -23.40 -8.99 -16.02
C ALA B 106 -22.70 -8.88 -17.37
N HIS B 107 -21.60 -9.58 -17.66
CA HIS B 107 -20.94 -9.55 -18.97
C HIS B 107 -21.78 -10.13 -20.10
N PHE B 108 -22.95 -10.67 -19.81
CA PHE B 108 -23.78 -11.15 -20.89
C PHE B 108 -24.60 -9.99 -21.49
N LYS B 109 -24.84 -8.92 -20.72
CA LYS B 109 -25.51 -7.73 -21.19
C LYS B 109 -24.78 -6.97 -22.29
N GLY B 110 -23.54 -7.35 -22.64
CA GLY B 110 -22.82 -6.70 -23.70
C GLY B 110 -22.42 -7.68 -24.80
N GLY B 111 -22.99 -8.89 -24.81
CA GLY B 111 -22.70 -9.87 -25.84
C GLY B 111 -21.52 -10.80 -25.60
N ALA B 112 -21.04 -11.04 -24.35
CA ALA B 112 -19.96 -12.00 -24.15
C ALA B 112 -20.47 -13.45 -24.18
N LYS B 113 -19.69 -14.39 -24.71
CA LYS B 113 -20.05 -15.80 -24.72
C LYS B 113 -19.83 -16.44 -23.33
N LYS B 114 -18.54 -16.45 -22.92
CA LYS B 114 -18.01 -17.14 -21.74
C LYS B 114 -17.26 -16.17 -20.85
N VAL B 115 -17.30 -16.37 -19.53
CA VAL B 115 -16.59 -15.55 -18.55
C VAL B 115 -15.66 -16.51 -17.80
N ILE B 116 -14.37 -16.18 -17.67
CA ILE B 116 -13.36 -16.95 -16.93
C ILE B 116 -13.12 -16.12 -15.68
N ILE B 117 -13.58 -16.38 -14.47
CA ILE B 117 -13.24 -15.57 -13.31
C ILE B 117 -11.80 -15.88 -12.86
N SER B 118 -10.97 -14.86 -12.68
CA SER B 118 -9.59 -15.04 -12.29
C SER B 118 -9.42 -15.06 -10.77
N ALA B 119 -10.34 -15.68 -10.05
CA ALA B 119 -10.24 -15.77 -8.60
C ALA B 119 -11.16 -16.92 -8.21
N PRO B 120 -11.11 -17.47 -6.98
CA PRO B 120 -12.11 -18.43 -6.54
C PRO B 120 -13.51 -17.82 -6.61
N SER B 121 -14.41 -18.63 -7.14
CA SER B 121 -15.79 -18.22 -7.21
C SER B 121 -16.54 -18.96 -6.12
N ALA B 122 -17.60 -18.31 -5.61
CA ALA B 122 -18.47 -18.96 -4.62
C ALA B 122 -19.33 -20.06 -5.23
N ASP B 123 -19.58 -20.03 -6.55
CA ASP B 123 -20.41 -21.03 -7.18
C ASP B 123 -20.14 -21.35 -8.64
N ALA B 124 -19.14 -20.75 -9.29
CA ALA B 124 -18.82 -21.08 -10.66
C ALA B 124 -17.83 -22.25 -10.65
N PRO B 125 -17.88 -23.18 -11.60
CA PRO B 125 -16.97 -24.30 -11.72
C PRO B 125 -15.48 -23.96 -11.63
N MET B 126 -14.73 -24.45 -10.64
CA MET B 126 -13.32 -24.15 -10.54
C MET B 126 -12.40 -25.11 -11.26
N PHE B 127 -11.48 -24.64 -12.07
CA PHE B 127 -10.59 -25.51 -12.78
C PHE B 127 -9.14 -25.26 -12.45
N VAL B 128 -8.30 -26.28 -12.54
CA VAL B 128 -6.90 -26.15 -12.34
C VAL B 128 -6.34 -27.01 -13.46
N CYS B 129 -5.55 -26.39 -14.31
CA CYS B 129 -4.89 -27.00 -15.42
C CYS B 129 -4.04 -28.12 -14.93
N GLY B 130 -4.01 -29.24 -15.66
CA GLY B 130 -3.20 -30.41 -15.28
C GLY B 130 -3.94 -31.28 -14.28
N VAL B 131 -5.03 -30.81 -13.66
CA VAL B 131 -5.65 -31.56 -12.61
C VAL B 131 -7.11 -31.84 -12.90
N ASN B 132 -7.98 -30.91 -13.31
CA ASN B 132 -9.35 -31.28 -13.56
C ASN B 132 -10.00 -30.68 -14.83
N LEU B 133 -9.23 -30.51 -15.91
CA LEU B 133 -9.79 -29.87 -17.10
C LEU B 133 -10.86 -30.70 -17.79
N GLU B 134 -10.76 -32.04 -17.73
CA GLU B 134 -11.80 -32.94 -18.26
C GLU B 134 -13.14 -32.77 -17.58
N LYS B 135 -13.24 -32.10 -16.45
CA LYS B 135 -14.52 -31.83 -15.84
C LYS B 135 -15.25 -30.71 -16.59
N TYR B 136 -14.59 -30.03 -17.54
CA TYR B 136 -15.18 -28.87 -18.19
C TYR B 136 -16.18 -29.23 -19.29
N SER B 137 -17.47 -28.92 -19.15
CA SER B 137 -18.36 -29.18 -20.25
C SER B 137 -18.67 -27.89 -21.01
N LYS B 138 -18.90 -28.00 -22.33
CA LYS B 138 -19.27 -26.85 -23.15
C LYS B 138 -20.44 -26.02 -22.63
N ASP B 139 -21.31 -26.51 -21.75
CA ASP B 139 -22.43 -25.70 -21.29
C ASP B 139 -22.06 -24.81 -20.13
N MET B 140 -20.81 -24.91 -19.67
CA MET B 140 -20.40 -24.10 -18.57
C MET B 140 -20.10 -22.71 -19.14
N LYS B 141 -20.91 -21.73 -18.71
CA LYS B 141 -20.73 -20.37 -19.17
C LYS B 141 -19.76 -19.50 -18.38
N VAL B 142 -19.86 -19.53 -17.06
CA VAL B 142 -19.04 -18.75 -16.15
C VAL B 142 -18.17 -19.78 -15.42
N VAL B 143 -16.86 -19.81 -15.62
CA VAL B 143 -15.99 -20.72 -14.90
C VAL B 143 -15.05 -19.94 -13.98
N SER B 144 -14.20 -20.62 -13.20
CA SER B 144 -13.22 -19.99 -12.33
C SER B 144 -11.92 -20.74 -12.54
N ASN B 145 -10.81 -20.01 -12.56
CA ASN B 145 -9.49 -20.63 -12.67
C ASN B 145 -8.90 -20.74 -11.23
N ALA B 146 -9.75 -20.58 -10.20
CA ALA B 146 -9.43 -20.72 -8.79
C ALA B 146 -8.34 -19.72 -8.40
N SER B 147 -7.66 -19.90 -7.26
CA SER B 147 -6.69 -18.95 -6.80
C SER B 147 -5.32 -19.41 -7.29
N CYS B 148 -4.33 -18.54 -7.09
CA CYS B 148 -2.95 -18.80 -7.38
C CYS B 148 -2.48 -19.88 -6.41
N THR B 149 -2.88 -19.88 -5.12
CA THR B 149 -2.36 -20.90 -4.20
C THR B 149 -2.98 -22.24 -4.54
N THR B 150 -4.28 -22.30 -4.86
CA THR B 150 -4.88 -23.55 -5.28
C THR B 150 -4.15 -24.12 -6.50
N ASN B 151 -3.72 -23.30 -7.46
CA ASN B 151 -3.00 -23.82 -8.62
C ASN B 151 -1.61 -24.32 -8.26
N CYS B 152 -1.02 -23.92 -7.13
CA CYS B 152 0.23 -24.46 -6.69
C CYS B 152 -0.06 -25.70 -5.85
N LEU B 153 -1.07 -25.68 -4.99
CA LEU B 153 -1.33 -26.79 -4.09
C LEU B 153 -1.84 -28.04 -4.85
N ALA B 154 -2.89 -27.88 -5.66
CA ALA B 154 -3.56 -28.99 -6.32
C ALA B 154 -2.64 -29.86 -7.16
N PRO B 155 -1.70 -29.46 -8.01
CA PRO B 155 -0.72 -30.34 -8.63
C PRO B 155 0.02 -31.24 -7.67
N VAL B 156 0.57 -30.65 -6.61
CA VAL B 156 1.36 -31.39 -5.63
C VAL B 156 0.48 -32.34 -4.83
N ALA B 157 -0.74 -31.93 -4.49
CA ALA B 157 -1.65 -32.76 -3.73
C ALA B 157 -2.09 -33.95 -4.60
N LYS B 158 -2.33 -33.72 -5.92
CA LYS B 158 -2.67 -34.79 -6.87
C LYS B 158 -1.57 -35.84 -6.92
N VAL B 159 -0.29 -35.49 -7.07
CA VAL B 159 0.75 -36.50 -7.07
C VAL B 159 0.84 -37.26 -5.72
N LEU B 160 0.86 -36.58 -4.55
CA LEU B 160 0.96 -37.23 -3.24
C LEU B 160 -0.22 -38.15 -3.02
N HIS B 161 -1.45 -37.73 -3.34
CA HIS B 161 -2.62 -38.55 -3.15
C HIS B 161 -2.60 -39.78 -4.05
N GLU B 162 -2.29 -39.63 -5.35
CA GLU B 162 -2.29 -40.76 -6.27
C GLU B 162 -1.30 -41.83 -5.94
N ASN B 163 -0.16 -41.41 -5.41
CA ASN B 163 0.86 -42.38 -5.08
C ASN B 163 0.80 -42.88 -3.66
N PHE B 164 0.47 -42.04 -2.66
CA PHE B 164 0.59 -42.47 -1.27
C PHE B 164 -0.63 -42.22 -0.45
N GLU B 165 -1.66 -41.57 -0.99
CA GLU B 165 -2.91 -41.26 -0.31
C GLU B 165 -2.74 -40.22 0.83
N ILE B 166 -3.50 -39.13 0.73
CA ILE B 166 -3.39 -38.09 1.72
C ILE B 166 -4.50 -38.45 2.68
N VAL B 167 -4.14 -38.74 3.90
CA VAL B 167 -5.14 -38.98 4.92
C VAL B 167 -5.58 -37.60 5.40
N GLU B 168 -4.65 -36.72 5.82
CA GLU B 168 -5.04 -35.35 6.15
C GLU B 168 -3.82 -34.48 6.03
N GLY B 169 -4.04 -33.19 5.81
CA GLY B 169 -2.91 -32.28 5.63
C GLY B 169 -3.28 -30.86 6.04
N LEU B 170 -2.22 -30.13 6.40
CA LEU B 170 -2.39 -28.75 6.80
C LEU B 170 -1.35 -27.97 6.04
N MET B 171 -1.84 -26.88 5.47
CA MET B 171 -0.98 -26.08 4.61
C MET B 171 -0.66 -24.69 5.15
N THR B 172 0.54 -24.21 5.01
CA THR B 172 0.78 -22.78 5.17
C THR B 172 1.30 -22.21 3.84
N THR B 173 0.83 -21.02 3.41
CA THR B 173 1.53 -20.39 2.30
C THR B 173 2.27 -19.17 2.82
N VAL B 174 3.57 -19.02 2.56
CA VAL B 174 4.33 -17.81 2.92
C VAL B 174 4.20 -17.02 1.61
N HIS B 175 3.41 -15.98 1.69
CA HIS B 175 2.90 -15.30 0.53
C HIS B 175 3.38 -13.86 0.41
N ALA B 176 3.74 -13.49 -0.81
CA ALA B 176 4.18 -12.12 -1.15
C ALA B 176 3.07 -11.09 -0.93
N VAL B 177 3.40 -9.80 -0.77
CA VAL B 177 2.32 -8.81 -0.56
C VAL B 177 1.44 -8.67 -1.80
N THR B 178 0.21 -8.25 -1.59
CA THR B 178 -0.68 -7.95 -2.70
C THR B 178 -1.24 -6.52 -2.60
N ALA B 179 -2.06 -6.19 -3.61
CA ALA B 179 -2.62 -4.85 -3.76
C ALA B 179 -3.65 -4.56 -2.69
N THR B 180 -4.26 -5.58 -2.03
CA THR B 180 -5.23 -5.30 -0.98
C THR B 180 -4.52 -4.91 0.31
N GLN B 181 -3.19 -4.98 0.39
CA GLN B 181 -2.49 -4.60 1.59
C GLN B 181 -2.20 -3.10 1.66
N LYS B 182 -1.64 -2.55 2.76
CA LYS B 182 -1.43 -1.13 2.98
C LYS B 182 0.03 -0.84 3.23
N THR B 183 0.51 0.32 2.75
CA THR B 183 1.91 0.66 2.92
C THR B 183 2.24 0.98 4.37
N VAL B 184 1.31 1.54 5.14
CA VAL B 184 1.51 1.86 6.55
C VAL B 184 0.18 1.48 7.20
N ASP B 185 0.12 1.36 8.51
CA ASP B 185 -1.12 0.97 9.18
C ASP B 185 -2.35 1.80 8.85
N GLY B 186 -3.28 1.17 8.16
CA GLY B 186 -4.52 1.82 7.77
C GLY B 186 -5.70 0.87 7.81
N PRO B 187 -6.89 1.39 7.50
CA PRO B 187 -8.15 0.66 7.68
C PRO B 187 -8.37 -0.47 6.69
N SER B 188 -8.64 -1.64 7.20
CA SER B 188 -8.95 -2.85 6.48
C SER B 188 -10.03 -3.46 7.39
N ALA B 189 -11.25 -2.92 7.33
CA ALA B 189 -12.30 -3.32 8.24
C ALA B 189 -12.67 -4.80 8.18
N LYS B 190 -12.54 -5.42 6.99
CA LYS B 190 -12.87 -6.84 6.91
C LYS B 190 -11.72 -7.75 7.34
N ASP B 191 -10.51 -7.23 7.53
CA ASP B 191 -9.38 -8.03 7.89
C ASP B 191 -8.40 -7.10 8.57
N TRP B 192 -8.56 -6.99 9.89
CA TRP B 192 -7.74 -6.09 10.68
C TRP B 192 -6.24 -6.34 10.55
N ARG B 193 -5.73 -7.58 10.54
CA ARG B 193 -4.28 -7.76 10.39
C ARG B 193 -3.84 -7.32 9.00
N GLY B 194 -4.75 -7.48 8.02
CA GLY B 194 -4.44 -7.15 6.63
C GLY B 194 -4.20 -5.66 6.40
N GLY B 195 -4.66 -4.79 7.32
CA GLY B 195 -4.38 -3.36 7.19
C GLY B 195 -3.03 -2.91 7.78
N ARG B 196 -2.28 -3.75 8.50
CA ARG B 196 -1.07 -3.29 9.15
C ARG B 196 0.04 -3.14 8.13
N GLY B 197 1.03 -2.28 8.33
CA GLY B 197 2.05 -1.98 7.36
C GLY B 197 2.68 -3.24 6.79
N ALA B 198 2.42 -3.36 5.49
CA ALA B 198 2.90 -4.48 4.68
C ALA B 198 4.38 -4.68 4.65
N ALA B 199 5.22 -3.63 4.52
CA ALA B 199 6.65 -3.85 4.53
C ALA B 199 7.24 -4.01 5.91
N GLN B 200 6.49 -3.78 7.00
CA GLN B 200 7.08 -3.88 8.32
C GLN B 200 6.83 -5.26 8.93
N ASN B 201 5.87 -6.01 8.40
CA ASN B 201 5.31 -7.14 9.12
C ASN B 201 5.22 -8.51 8.49
N ILE B 202 5.29 -9.55 9.32
CA ILE B 202 4.74 -10.88 9.00
C ILE B 202 3.30 -10.81 9.50
N ILE B 203 2.32 -11.06 8.61
CA ILE B 203 0.91 -10.84 8.83
C ILE B 203 0.18 -12.18 8.63
N PRO B 204 -0.32 -12.84 9.66
CA PRO B 204 -1.24 -13.94 9.52
C PRO B 204 -2.44 -13.53 8.69
N SER B 205 -2.83 -14.47 7.85
CA SER B 205 -3.95 -14.27 6.99
C SER B 205 -4.62 -15.63 6.73
N SER B 206 -5.89 -15.56 6.37
CA SER B 206 -6.66 -16.70 5.96
C SER B 206 -6.40 -17.03 4.50
N THR B 207 -6.81 -18.20 4.07
CA THR B 207 -6.68 -18.64 2.67
C THR B 207 -7.78 -19.66 2.54
N GLY B 208 -8.45 -19.73 1.42
CA GLY B 208 -9.46 -20.73 1.23
C GLY B 208 -8.87 -21.78 0.29
N ALA B 209 -7.65 -21.60 -0.22
CA ALA B 209 -7.03 -22.49 -1.16
C ALA B 209 -6.96 -23.95 -0.84
N ALA B 210 -6.66 -24.32 0.40
CA ALA B 210 -6.54 -25.74 0.70
C ALA B 210 -7.87 -26.48 0.65
N LYS B 211 -8.87 -25.76 1.12
CA LYS B 211 -10.24 -26.20 1.13
C LYS B 211 -10.73 -26.27 -0.32
N ALA B 212 -10.45 -25.28 -1.18
CA ALA B 212 -10.85 -25.33 -2.58
C ALA B 212 -10.26 -26.52 -3.34
N VAL B 213 -9.11 -27.07 -2.92
CA VAL B 213 -8.54 -28.25 -3.54
C VAL B 213 -9.50 -29.40 -3.34
N GLY B 214 -10.31 -29.42 -2.28
CA GLY B 214 -11.35 -30.42 -2.14
C GLY B 214 -12.46 -30.31 -3.20
N LYS B 215 -12.56 -29.21 -3.94
CA LYS B 215 -13.52 -29.05 -5.03
C LYS B 215 -12.90 -29.50 -6.34
N VAL B 216 -11.62 -29.22 -6.51
CA VAL B 216 -10.86 -29.57 -7.70
C VAL B 216 -10.47 -31.05 -7.74
N ILE B 217 -10.19 -31.68 -6.59
CA ILE B 217 -9.84 -33.09 -6.49
C ILE B 217 -10.83 -33.61 -5.48
N PRO B 218 -12.00 -34.13 -5.84
CA PRO B 218 -13.10 -34.40 -4.91
C PRO B 218 -12.73 -35.38 -3.80
N GLU B 219 -11.81 -36.32 -4.04
CA GLU B 219 -11.36 -37.30 -3.04
C GLU B 219 -10.76 -36.64 -1.80
N LEU B 220 -10.23 -35.42 -1.94
CA LEU B 220 -9.59 -34.70 -0.87
C LEU B 220 -10.52 -33.73 -0.17
N ASP B 221 -11.80 -33.77 -0.50
CA ASP B 221 -12.74 -32.87 0.09
C ASP B 221 -12.75 -33.09 1.57
N GLY B 222 -12.50 -32.04 2.34
CA GLY B 222 -12.56 -32.18 3.79
C GLY B 222 -11.27 -32.67 4.44
N LYS B 223 -10.23 -33.02 3.69
CA LYS B 223 -8.99 -33.53 4.25
C LYS B 223 -7.89 -32.47 4.35
N LEU B 224 -8.09 -31.23 3.89
CA LEU B 224 -7.03 -30.25 3.82
C LEU B 224 -7.55 -28.91 4.31
N THR B 225 -6.79 -28.20 5.13
CA THR B 225 -7.12 -26.82 5.42
C THR B 225 -5.78 -26.10 5.61
N GLY B 226 -5.75 -24.79 5.87
CA GLY B 226 -4.47 -24.11 5.98
C GLY B 226 -4.66 -22.64 6.23
N MET B 227 -3.57 -21.89 6.26
CA MET B 227 -3.54 -20.45 6.52
C MET B 227 -2.36 -19.89 5.71
N ALA B 228 -2.24 -18.56 5.76
CA ALA B 228 -1.20 -17.80 5.08
C ALA B 228 -0.41 -16.89 6.03
N PHE B 229 0.85 -16.66 5.73
CA PHE B 229 1.58 -15.58 6.34
C PHE B 229 1.98 -14.64 5.18
N ARG B 230 1.59 -13.36 5.21
CA ARG B 230 1.99 -12.36 4.24
C ARG B 230 3.30 -11.79 4.71
N VAL B 231 4.34 -11.81 3.87
CA VAL B 231 5.64 -11.28 4.24
C VAL B 231 6.11 -10.21 3.24
N PRO B 232 7.08 -9.36 3.55
CA PRO B 232 7.38 -8.21 2.69
C PRO B 232 8.21 -8.55 1.47
N THR B 233 7.67 -9.23 0.47
CA THR B 233 8.39 -9.44 -0.78
C THR B 233 7.37 -9.11 -1.87
N PRO B 234 7.77 -8.61 -3.04
CA PRO B 234 6.83 -8.08 -4.02
C PRO B 234 6.14 -9.15 -4.82
N ASN B 235 6.76 -10.31 -5.01
CA ASN B 235 6.10 -11.38 -5.77
C ASN B 235 6.79 -12.70 -5.48
N VAL B 236 6.10 -13.81 -5.74
CA VAL B 236 6.54 -15.22 -5.56
C VAL B 236 6.30 -15.61 -4.10
N SER B 237 5.55 -16.71 -4.00
CA SER B 237 5.09 -17.27 -2.76
C SER B 237 5.53 -18.73 -2.65
N VAL B 238 5.33 -19.38 -1.49
CA VAL B 238 5.74 -20.77 -1.35
C VAL B 238 4.69 -21.51 -0.50
N VAL B 239 4.30 -22.74 -0.87
CA VAL B 239 3.37 -23.56 -0.12
C VAL B 239 4.22 -24.47 0.77
N ASP B 240 3.87 -24.56 2.03
CA ASP B 240 4.54 -25.46 2.96
C ASP B 240 3.42 -26.45 3.37
N LEU B 241 3.40 -27.69 2.84
CA LEU B 241 2.35 -28.66 3.11
C LEU B 241 2.84 -29.77 4.04
N THR B 242 2.16 -29.92 5.19
CA THR B 242 2.50 -30.97 6.12
C THR B 242 1.40 -32.00 5.94
N VAL B 243 1.79 -33.22 5.61
CA VAL B 243 0.81 -34.21 5.18
C VAL B 243 1.04 -35.54 5.89
N ARG B 244 -0.08 -36.12 6.24
CA ARG B 244 -0.08 -37.45 6.80
C ARG B 244 -0.53 -38.35 5.65
N LEU B 245 0.31 -39.31 5.34
CA LEU B 245 0.13 -40.21 4.21
C LEU B 245 -0.40 -41.56 4.64
N GLY B 246 -1.13 -42.16 3.71
CA GLY B 246 -1.72 -43.46 3.90
C GLY B 246 -0.66 -44.54 3.72
N LYS B 247 0.29 -44.42 2.81
CA LYS B 247 1.27 -45.46 2.58
C LYS B 247 2.61 -45.08 3.09
N GLU B 248 3.36 -46.04 3.65
CA GLU B 248 4.70 -45.77 4.12
C GLU B 248 5.58 -45.46 2.93
N CYS B 249 6.44 -44.45 2.99
CA CYS B 249 7.31 -44.14 1.86
C CYS B 249 8.53 -43.44 2.40
N SER B 250 9.57 -43.41 1.58
CA SER B 250 10.69 -42.56 1.89
C SER B 250 10.50 -41.22 1.16
N TYR B 251 11.35 -40.26 1.53
CA TYR B 251 11.35 -38.98 0.90
C TYR B 251 11.82 -39.14 -0.55
N ASP B 252 12.77 -40.04 -0.82
CA ASP B 252 13.19 -40.30 -2.18
C ASP B 252 12.07 -40.86 -3.05
N ASP B 253 11.06 -41.56 -2.50
CA ASP B 253 9.92 -42.00 -3.28
C ASP B 253 9.07 -40.80 -3.56
N ILE B 254 9.00 -39.79 -2.67
CA ILE B 254 8.21 -38.60 -2.97
C ILE B 254 8.93 -37.79 -4.05
N LYS B 255 10.25 -37.61 -4.01
CA LYS B 255 10.97 -36.92 -5.07
C LYS B 255 10.83 -37.62 -6.43
N ALA B 256 10.96 -38.97 -6.48
CA ALA B 256 10.79 -39.64 -7.75
C ALA B 256 9.38 -39.50 -8.28
N ALA B 257 8.36 -39.51 -7.43
CA ALA B 257 7.01 -39.35 -7.91
C ALA B 257 6.79 -37.93 -8.48
N MET B 258 7.33 -36.89 -7.83
CA MET B 258 7.21 -35.50 -8.32
C MET B 258 7.94 -35.34 -9.66
N LYS B 259 9.18 -35.87 -9.78
CA LYS B 259 9.94 -35.81 -11.02
C LYS B 259 9.22 -36.50 -12.17
N ALA B 260 8.74 -37.75 -12.02
CA ALA B 260 7.98 -38.43 -13.06
C ALA B 260 6.74 -37.65 -13.46
N ALA B 261 5.97 -37.11 -12.53
CA ALA B 261 4.80 -36.34 -12.91
C ALA B 261 5.15 -35.05 -13.65
N SER B 262 6.29 -34.42 -13.37
CA SER B 262 6.61 -33.17 -14.01
C SER B 262 7.11 -33.43 -15.43
N GLU B 263 7.64 -34.64 -15.70
CA GLU B 263 8.03 -35.04 -17.03
C GLU B 263 6.86 -35.56 -17.83
N GLY B 264 5.66 -35.81 -17.33
CA GLY B 264 4.64 -36.36 -18.16
C GLY B 264 3.33 -35.66 -18.00
N PRO B 265 2.35 -36.19 -17.30
CA PRO B 265 1.01 -35.63 -17.21
C PRO B 265 0.95 -34.24 -16.61
N LEU B 266 1.90 -33.79 -15.79
CA LEU B 266 1.86 -32.43 -15.30
C LEU B 266 2.98 -31.59 -15.88
N GLN B 267 3.66 -32.03 -16.95
CA GLN B 267 4.69 -31.29 -17.67
C GLN B 267 4.21 -29.84 -17.94
N GLY B 268 5.00 -28.83 -17.57
CA GLY B 268 4.61 -27.43 -17.77
C GLY B 268 3.67 -26.87 -16.67
N VAL B 269 2.99 -27.70 -15.86
CA VAL B 269 2.22 -27.22 -14.71
C VAL B 269 3.07 -27.38 -13.45
N LEU B 270 3.64 -28.56 -13.24
CA LEU B 270 4.48 -28.88 -12.10
C LEU B 270 5.91 -28.93 -12.56
N GLY B 271 6.85 -28.22 -11.96
CA GLY B 271 8.26 -28.32 -12.29
C GLY B 271 8.98 -28.96 -11.13
N TYR B 272 10.27 -29.20 -11.19
CA TYR B 272 10.96 -29.89 -10.14
C TYR B 272 12.36 -29.34 -10.09
N THR B 273 12.94 -29.08 -8.92
CA THR B 273 14.30 -28.66 -8.85
C THR B 273 14.88 -29.36 -7.64
N GLU B 274 16.19 -29.51 -7.71
CA GLU B 274 17.05 -29.95 -6.62
C GLU B 274 18.07 -28.85 -6.40
N ASP B 275 17.93 -27.67 -7.02
CA ASP B 275 18.86 -26.58 -6.74
C ASP B 275 18.61 -25.82 -5.43
N ASP B 276 19.63 -25.10 -4.94
CA ASP B 276 19.52 -24.30 -3.71
C ASP B 276 18.83 -22.97 -4.03
N VAL B 277 17.59 -23.00 -4.47
CA VAL B 277 16.85 -21.85 -4.90
C VAL B 277 16.24 -20.99 -3.78
N VAL B 278 15.89 -19.73 -4.06
CA VAL B 278 15.24 -18.82 -3.11
C VAL B 278 14.14 -18.15 -3.92
N SER B 279 13.24 -17.36 -3.34
CA SER B 279 12.13 -16.91 -4.14
C SER B 279 12.42 -16.05 -5.39
N CYS B 280 13.42 -15.17 -5.45
CA CYS B 280 13.67 -14.43 -6.67
C CYS B 280 13.99 -15.35 -7.86
N ASP B 281 14.40 -16.61 -7.64
CA ASP B 281 14.68 -17.51 -8.75
C ASP B 281 13.43 -17.85 -9.51
N PHE B 282 12.22 -17.59 -9.00
CA PHE B 282 11.04 -17.94 -9.73
C PHE B 282 10.30 -16.76 -10.26
N THR B 283 10.86 -15.57 -10.25
CA THR B 283 10.12 -14.45 -10.83
C THR B 283 10.05 -14.68 -12.35
N GLY B 284 8.89 -14.62 -12.94
CA GLY B 284 8.79 -14.88 -14.37
C GLY B 284 8.59 -16.35 -14.66
N ASP B 285 8.64 -17.25 -13.66
CA ASP B 285 8.42 -18.67 -13.93
C ASP B 285 6.99 -18.92 -14.34
N ASN B 286 6.91 -19.66 -15.47
CA ASN B 286 5.63 -20.06 -16.09
C ASN B 286 4.80 -21.18 -15.46
N ARG B 287 5.42 -22.01 -14.60
CA ARG B 287 4.69 -23.17 -14.05
C ARG B 287 3.82 -22.84 -12.85
N SER B 288 2.79 -23.65 -12.60
CA SER B 288 1.94 -23.40 -11.48
C SER B 288 2.57 -23.73 -10.15
N SER B 289 3.55 -24.64 -10.15
CA SER B 289 4.03 -25.19 -8.90
C SER B 289 5.41 -25.77 -9.11
N ILE B 290 6.43 -25.40 -8.33
CA ILE B 290 7.75 -25.96 -8.56
C ILE B 290 8.21 -26.63 -7.26
N PHE B 291 8.21 -27.97 -7.29
CA PHE B 291 8.58 -28.79 -6.15
C PHE B 291 10.03 -28.55 -5.85
N ASP B 292 10.32 -28.18 -4.60
CA ASP B 292 11.68 -27.97 -4.14
C ASP B 292 12.10 -29.24 -3.40
N ALA B 293 12.96 -30.05 -4.03
CA ALA B 293 13.32 -31.32 -3.46
C ALA B 293 14.16 -31.18 -2.22
N LYS B 294 15.09 -30.26 -2.21
CA LYS B 294 15.98 -30.19 -1.08
C LYS B 294 15.42 -29.47 0.15
N ALA B 295 14.29 -28.82 0.09
CA ALA B 295 13.82 -28.10 1.25
C ALA B 295 12.81 -28.95 1.97
N GLY B 296 12.26 -30.05 1.44
CA GLY B 296 11.26 -30.76 2.21
C GLY B 296 11.93 -31.68 3.24
N ILE B 297 11.18 -32.14 4.24
CA ILE B 297 11.67 -33.00 5.29
C ILE B 297 10.63 -34.04 5.55
N GLN B 298 11.05 -35.23 5.94
CA GLN B 298 10.15 -36.35 6.22
C GLN B 298 10.37 -36.67 7.68
N LEU B 299 9.38 -36.73 8.56
CA LEU B 299 9.67 -37.05 9.96
C LEU B 299 9.60 -38.56 10.05
N SER B 300 8.52 -39.13 9.53
CA SER B 300 8.36 -40.55 9.56
C SER B 300 7.84 -40.98 8.19
N LYS B 301 7.73 -42.31 8.04
CA LYS B 301 7.32 -42.93 6.78
C LYS B 301 5.96 -42.48 6.34
N THR B 302 5.14 -41.91 7.22
CA THR B 302 3.86 -41.38 6.78
C THR B 302 3.67 -39.90 7.17
N PHE B 303 4.66 -39.11 7.59
CA PHE B 303 4.43 -37.73 8.01
C PHE B 303 5.58 -36.94 7.44
N VAL B 304 5.21 -35.95 6.62
CA VAL B 304 6.24 -35.26 5.83
C VAL B 304 5.77 -33.87 5.48
N LYS B 305 6.75 -33.05 5.14
CA LYS B 305 6.58 -31.64 4.80
C LYS B 305 7.15 -31.41 3.41
N VAL B 306 6.34 -30.86 2.51
CA VAL B 306 6.71 -30.64 1.12
C VAL B 306 6.61 -29.12 0.83
N VAL B 307 7.58 -28.61 0.06
CA VAL B 307 7.73 -27.19 -0.28
C VAL B 307 7.62 -27.01 -1.80
N SER B 308 6.71 -26.17 -2.23
CA SER B 308 6.51 -25.90 -3.65
C SER B 308 6.43 -24.37 -3.85
N TRP B 309 7.22 -23.84 -4.77
CA TRP B 309 7.24 -22.43 -5.11
C TRP B 309 6.20 -22.07 -6.17
N TYR B 310 5.80 -20.81 -6.26
CA TYR B 310 4.99 -20.32 -7.36
C TYR B 310 5.09 -18.80 -7.51
N ASP B 311 5.00 -18.33 -8.78
CA ASP B 311 5.10 -16.90 -9.00
C ASP B 311 3.61 -16.64 -9.01
N ASN B 312 3.05 -16.08 -7.94
CA ASN B 312 1.61 -15.89 -7.87
C ASN B 312 0.94 -15.03 -8.95
N GLU B 313 1.59 -14.04 -9.54
CA GLU B 313 1.01 -13.24 -10.61
C GLU B 313 1.24 -13.89 -11.97
N PHE B 314 2.43 -14.43 -12.24
CA PHE B 314 2.82 -14.81 -13.59
C PHE B 314 2.40 -16.20 -14.03
N GLY B 315 2.79 -17.28 -13.33
CA GLY B 315 2.29 -18.63 -13.67
C GLY B 315 0.76 -18.66 -13.75
N TYR B 316 0.08 -17.98 -12.85
CA TYR B 316 -1.35 -17.91 -12.87
C TYR B 316 -1.85 -17.26 -14.14
N SER B 317 -1.22 -16.18 -14.60
CA SER B 317 -1.67 -15.49 -15.80
C SER B 317 -1.48 -16.38 -17.03
N GLN B 318 -0.40 -17.12 -17.11
CA GLN B 318 -0.24 -18.07 -18.18
C GLN B 318 -1.32 -19.19 -18.11
N ARG B 319 -1.69 -19.71 -16.93
CA ARG B 319 -2.72 -20.71 -16.82
C ARG B 319 -4.05 -20.15 -17.26
N VAL B 320 -4.34 -18.86 -17.07
CA VAL B 320 -5.61 -18.29 -17.55
C VAL B 320 -5.72 -18.45 -19.07
N ILE B 321 -4.58 -18.30 -19.76
CA ILE B 321 -4.49 -18.47 -21.19
C ILE B 321 -4.75 -19.93 -21.50
N ASP B 322 -4.03 -20.85 -20.85
CA ASP B 322 -4.25 -22.29 -20.98
C ASP B 322 -5.68 -22.79 -20.76
N LEU B 323 -6.36 -22.34 -19.72
CA LEU B 323 -7.74 -22.68 -19.52
C LEU B 323 -8.54 -22.18 -20.73
N ILE B 324 -8.29 -20.95 -21.27
CA ILE B 324 -9.02 -20.42 -22.45
C ILE B 324 -8.78 -21.29 -23.68
N LYS B 325 -7.55 -21.58 -24.03
CA LYS B 325 -7.25 -22.42 -25.15
C LYS B 325 -7.97 -23.77 -25.06
N HIS B 326 -7.92 -24.47 -23.92
CA HIS B 326 -8.64 -25.72 -23.74
C HIS B 326 -10.15 -25.52 -23.93
N MET B 327 -10.79 -24.55 -23.25
CA MET B 327 -12.21 -24.29 -23.41
C MET B 327 -12.58 -24.11 -24.87
N GLN B 328 -11.80 -23.33 -25.63
CA GLN B 328 -12.09 -23.11 -27.04
C GLN B 328 -11.97 -24.42 -27.79
N LYS B 329 -10.85 -25.12 -27.68
CA LYS B 329 -10.61 -26.37 -28.39
C LYS B 329 -11.65 -27.43 -28.07
N VAL B 330 -12.29 -27.38 -26.90
CA VAL B 330 -13.38 -28.28 -26.58
C VAL B 330 -14.66 -27.74 -27.23
N ASP B 331 -14.92 -26.45 -27.15
CA ASP B 331 -16.12 -25.87 -27.71
C ASP B 331 -16.04 -25.75 -29.23
N SER B 332 -14.85 -25.97 -29.78
CA SER B 332 -14.57 -25.95 -31.21
C SER B 332 -13.88 -27.28 -31.50
N ALA B 333 -14.63 -28.32 -31.13
CA ALA B 333 -14.27 -29.71 -31.36
C ALA B 333 -15.45 -30.28 -32.16
S SO4 C . 4.39 18.84 1.35
O1 SO4 C . 4.22 17.81 2.31
O2 SO4 C . 5.17 18.33 0.30
O3 SO4 C . 5.10 19.90 1.95
O4 SO4 C . 3.16 19.32 0.79
S SO4 D . 1.23 12.50 1.77
O1 SO4 D . 0.16 13.33 1.30
O2 SO4 D . 2.46 13.05 1.29
O3 SO4 D . 1.10 11.16 1.29
O4 SO4 D . 1.16 12.44 3.20
PA NAD E . -4.25 8.40 6.70
O1A NAD E . -4.77 7.82 5.44
O2A NAD E . -3.48 7.51 7.60
O5B NAD E . -5.49 9.03 7.51
C5B NAD E . -6.60 9.68 6.89
C4B NAD E . -7.78 9.34 7.81
O4B NAD E . -8.91 10.19 7.63
C3B NAD E . -8.25 7.91 7.62
O3B NAD E . -8.32 7.20 8.88
C2B NAD E . -9.62 8.02 6.96
O2B NAD E . -10.48 6.91 7.28
C1B NAD E . -10.09 9.36 7.50
N9A NAD E . -11.19 9.97 6.71
C8A NAD E . -11.35 9.93 5.37
N7A NAD E . -12.46 10.60 4.99
C5A NAD E . -12.95 11.05 6.14
C6A NAD E . -14.06 11.87 6.22
N6A NAD E . -14.71 12.27 5.13
N1A NAD E . -14.36 12.32 7.45
C2A NAD E . -13.61 11.97 8.51
N3A NAD E . -12.55 11.18 8.43
C4A NAD E . -12.19 10.68 7.22
O3 NAD E . -3.26 9.65 6.44
PN NAD E . -2.35 10.60 7.34
O1N NAD E . -2.89 10.55 8.73
O2N NAD E . -0.91 10.30 7.10
O5D NAD E . -2.64 12.04 6.72
C5D NAD E . -3.79 12.85 7.06
C4D NAD E . -3.40 14.29 6.72
O4D NAD E . -2.22 14.66 7.48
C3D NAD E . -3.00 14.45 5.25
O3D NAD E . -3.34 15.75 4.78
C2D NAD E . -1.48 14.34 5.25
O2D NAD E . -0.91 15.00 4.11
C1D NAD E . -1.18 15.03 6.57
N1N NAD E . 0.16 14.71 7.13
C2N NAD E . 0.70 13.41 7.10
C3N NAD E . 1.97 13.22 7.65
C7N NAD E . 2.60 11.81 7.73
O7N NAD E . 3.81 11.67 7.87
N7N NAD E . 1.78 10.78 7.48
C4N NAD E . 2.71 14.29 8.17
C5N NAD E . 2.18 15.57 8.19
C6N NAD E . 0.91 15.77 7.70
S SO4 F . -7.09 -18.09 -1.77
O1 SO4 F . -7.64 -19.34 -2.15
O2 SO4 F . -7.71 -17.11 -2.60
O3 SO4 F . -5.65 -18.09 -1.91
O4 SO4 F . -7.39 -17.79 -0.41
S SO4 G . -5.50 -10.81 -2.94
O1 SO4 G . -5.35 -9.38 -2.90
O2 SO4 G . -4.83 -11.33 -4.10
O3 SO4 G . -6.88 -11.15 -2.94
O4 SO4 G . -4.89 -11.30 -1.75
PA NAD H . -5.43 -5.07 -8.86
O1A NAD H . -5.89 -4.16 -7.77
O2A NAD H . -4.06 -4.96 -9.42
O5B NAD H . -6.47 -5.06 -10.08
C5B NAD H . -7.84 -4.73 -9.88
C4B NAD H . -8.22 -3.96 -11.14
O4B NAD H . -9.63 -3.97 -11.37
C3B NAD H . -7.75 -2.50 -11.05
O3B NAD H . -6.95 -2.09 -12.17
C2B NAD H . -9.05 -1.73 -10.91
O2B NAD H . -8.96 -0.38 -11.39
C1B NAD H . -9.95 -2.61 -11.75
N9A NAD H . -11.38 -2.28 -11.62
C8A NAD H . -12.00 -1.93 -10.48
N7A NAD H . -13.32 -1.84 -10.68
C5A NAD H . -13.48 -2.13 -11.97
C6A NAD H . -14.72 -2.29 -12.55
N6A NAD H . -15.83 -2.01 -11.87
N1A NAD H . -14.70 -2.76 -13.81
C2A NAD H . -13.54 -3.03 -14.41
N3A NAD H . -12.34 -2.87 -13.85
C4A NAD H . -12.30 -2.42 -12.58
O3 NAD H . -5.60 -6.60 -8.39
PN NAD H . -5.08 -8.00 -8.95
O1N NAD H . -4.85 -7.97 -10.42
O2N NAD H . -4.00 -8.48 -8.08
O5D NAD H . -6.37 -8.91 -8.61
C5D NAD H . -7.56 -8.95 -9.41
C4D NAD H . -8.24 -10.29 -9.12
O4D NAD H . -7.32 -11.35 -9.45
C3D NAD H . -8.52 -10.46 -7.64
O3D NAD H . -9.73 -11.18 -7.46
C2D NAD H . -7.34 -11.27 -7.10
O2D NAD H . -7.65 -12.02 -5.92
C1D NAD H . -7.08 -12.16 -8.28
N1N NAD H . -5.73 -12.78 -8.26
C2N NAD H . -4.59 -12.02 -7.96
C3N NAD H . -3.34 -12.64 -7.92
C7N NAD H . -2.11 -11.86 -7.46
O7N NAD H . -1.10 -12.44 -7.10
N7N NAD H . -2.28 -10.54 -7.30
C4N NAD H . -3.24 -14.02 -8.16
C5N NAD H . -4.38 -14.78 -8.43
C6N NAD H . -5.61 -14.16 -8.48
#